data_3VS2
#
_entry.id   3VS2
#
_cell.length_a   48.510
_cell.length_b   73.090
_cell.length_c   180.960
_cell.angle_alpha   90.00
_cell.angle_beta   96.26
_cell.angle_gamma   90.00
#
_symmetry.space_group_name_H-M   'P 1 21 1'
#
loop_
_entity.id
_entity.type
_entity.pdbx_description
1 polymer 'Tyrosine-protein kinase HCK'
2 non-polymer 7-[cis-4-(4-methylpiperazin-1-yl)cyclohexyl]-5-(4-phenoxyphenyl)-7H-pyrrolo[2,3-d]pyrimidin-4-amine
3 non-polymer 'CALCIUM ION'
4 non-polymer 'CHLORIDE ION'
5 water water
#
_entity_poly.entity_id   1
_entity_poly.type   'polypeptide(L)'
_entity_poly.pdbx_seq_one_letter_code
;GAMGSGIRIIVVALYDYEAIHHEDLSFQKGDQMVVLEESGEWWKARSLATRKEGYIPSNYVARVDSLETEEWFFKGISRK
DAERQLLAPGNMLGSFMIRDSETTKGSYSLSVRDYDPRQGDTVKHYKIRTLDNGGFYISPRSTFSTLQELVDHYKKGNDG
LCQKLSVPCMSSKPQKPWEKDAWEIPRESLKLEKKLGAGQFGEVWMATYNKHTKVAVKTMKPGSMSVEAFLAEANVMKTL
QHDKLVKLHAVVTKEPIYIITEFMAKGSLLDFLKSDEGSKQPLPKLIDFSAQIAEGMAFIEQRNYIHRDLRAANILVSAS
LVCKIADFGLARVIEDNEYTAREGAKFPIKWTAPEAINFGSFTIKSDVWSFGILLMEIVTYGRIPYPGMSNPEVIRALER
GYRMPRPENCPEELYNIMMRCWKNRPEERPTFEYIQSVLDDFYTATESQ(PTR)EEIP
;
_entity_poly.pdbx_strand_id   A,B
#
# COMPACT_ATOMS: atom_id res chain seq x y z
N ARG A 8 -1.12 -41.89 -23.66
CA ARG A 8 -0.10 -42.44 -22.77
C ARG A 8 0.48 -41.35 -21.88
N ILE A 9 -0.18 -41.10 -20.75
CA ILE A 9 0.24 -40.07 -19.82
C ILE A 9 0.64 -40.68 -18.48
N ILE A 10 1.92 -40.62 -18.16
CA ILE A 10 2.44 -41.26 -16.94
C ILE A 10 2.79 -40.25 -15.85
N VAL A 11 2.32 -40.52 -14.63
CA VAL A 11 2.62 -39.69 -13.48
C VAL A 11 3.46 -40.44 -12.45
N VAL A 12 4.01 -39.71 -11.49
CA VAL A 12 4.81 -40.30 -10.43
C VAL A 12 4.38 -39.75 -9.07
N ALA A 13 4.41 -40.61 -8.06
CA ALA A 13 3.96 -40.24 -6.71
C ALA A 13 4.99 -39.38 -5.99
N LEU A 14 4.51 -38.36 -5.29
CA LEU A 14 5.38 -37.43 -4.59
C LEU A 14 5.46 -37.77 -3.10
N TYR A 15 4.41 -38.39 -2.58
CA TYR A 15 4.35 -38.78 -1.18
C TYR A 15 3.73 -40.16 -1.03
N ASP A 16 4.02 -40.83 0.09
CA ASP A 16 3.40 -42.10 0.40
C ASP A 16 1.90 -41.89 0.63
N TYR A 17 1.11 -42.91 0.29
CA TYR A 17 -0.34 -42.81 0.46
C TYR A 17 -0.97 -44.16 0.74
N GLU A 18 -1.82 -44.21 1.76
CA GLU A 18 -2.53 -45.43 2.13
C GLU A 18 -4.01 -45.32 1.77
N ALA A 19 -4.54 -46.34 1.12
CA ALA A 19 -5.95 -46.34 0.71
C ALA A 19 -6.86 -46.40 1.93
N ILE A 20 -7.94 -45.62 1.89
CA ILE A 20 -8.89 -45.57 2.99
C ILE A 20 -10.34 -45.67 2.51
N HIS A 21 -10.53 -45.83 1.21
CA HIS A 21 -11.87 -46.00 0.65
C HIS A 21 -11.98 -47.33 -0.07
N HIS A 22 -13.10 -47.53 -0.78
CA HIS A 22 -13.35 -48.79 -1.48
C HIS A 22 -12.38 -49.05 -2.62
N GLU A 23 -12.41 -48.18 -3.63
CA GLU A 23 -11.64 -48.40 -4.84
C GLU A 23 -10.62 -47.30 -5.12
N ASP A 24 -9.74 -47.05 -4.15
CA ASP A 24 -8.63 -46.14 -4.36
C ASP A 24 -7.32 -46.87 -4.07
N LEU A 25 -6.23 -46.43 -4.69
CA LEU A 25 -4.98 -47.17 -4.66
C LEU A 25 -4.03 -46.74 -3.55
N SER A 26 -3.15 -47.65 -3.16
CA SER A 26 -2.07 -47.35 -2.23
C SER A 26 -0.75 -47.29 -3.00
N PHE A 27 0.02 -46.24 -2.77
CA PHE A 27 1.32 -46.09 -3.42
C PHE A 27 2.33 -45.42 -2.50
N GLN A 28 3.57 -45.86 -2.59
CA GLN A 28 4.65 -45.23 -1.84
C GLN A 28 5.37 -44.22 -2.73
N LYS A 29 6.20 -43.38 -2.12
CA LYS A 29 6.92 -42.33 -2.84
C LYS A 29 7.88 -42.93 -3.87
N GLY A 30 7.60 -42.66 -5.15
CA GLY A 30 8.44 -43.15 -6.22
C GLY A 30 7.68 -43.98 -7.24
N ASP A 31 6.57 -44.58 -6.82
CA ASP A 31 5.74 -45.40 -7.69
C ASP A 31 5.20 -44.61 -8.87
N GLN A 32 5.30 -45.18 -10.06
CA GLN A 32 4.76 -44.54 -11.26
C GLN A 32 3.36 -45.07 -11.54
N MET A 33 2.64 -44.38 -12.43
CA MET A 33 1.23 -44.68 -12.65
C MET A 33 0.74 -44.18 -13.99
N VAL A 34 -0.33 -44.79 -14.50
CA VAL A 34 -0.89 -44.40 -15.78
C VAL A 34 -2.28 -43.81 -15.63
N VAL A 35 -2.45 -42.56 -16.04
CA VAL A 35 -3.73 -41.87 -15.94
C VAL A 35 -4.74 -42.45 -16.91
N LEU A 36 -5.97 -42.66 -16.44
CA LEU A 36 -7.04 -43.22 -17.26
C LEU A 36 -8.21 -42.26 -17.35
N GLU A 37 -8.33 -41.38 -16.37
CA GLU A 37 -9.47 -40.47 -16.28
C GLU A 37 -9.16 -39.29 -15.37
N GLU A 38 -9.47 -38.09 -15.84
CA GLU A 38 -9.22 -36.88 -15.06
C GLU A 38 -10.53 -36.30 -14.53
N SER A 39 -10.93 -36.75 -13.34
CA SER A 39 -12.21 -36.34 -12.76
C SER A 39 -12.04 -35.39 -11.58
N GLY A 40 -11.15 -34.41 -11.72
CA GLY A 40 -10.97 -33.39 -10.70
C GLY A 40 -9.94 -33.73 -9.65
N GLU A 41 -10.37 -33.82 -8.41
CA GLU A 41 -9.47 -34.11 -7.29
C GLU A 41 -9.04 -35.58 -7.28
N TRP A 42 -9.90 -36.44 -7.79
CA TRP A 42 -9.58 -37.86 -7.89
C TRP A 42 -9.39 -38.29 -9.35
N TRP A 43 -8.36 -39.09 -9.60
CA TRP A 43 -8.06 -39.58 -10.94
C TRP A 43 -8.06 -41.10 -10.97
N LYS A 44 -8.79 -41.65 -11.93
CA LYS A 44 -8.73 -43.09 -12.19
C LYS A 44 -7.37 -43.38 -12.81
N ALA A 45 -6.66 -44.36 -12.28
CA ALA A 45 -5.29 -44.63 -12.71
C ALA A 45 -4.86 -46.07 -12.44
N ARG A 46 -3.86 -46.54 -13.20
CA ARG A 46 -3.33 -47.87 -13.01
C ARG A 46 -1.87 -47.83 -12.53
N SER A 47 -1.62 -48.40 -11.35
CA SER A 47 -0.28 -48.46 -10.79
C SER A 47 0.63 -49.32 -11.65
N LEU A 48 1.90 -48.93 -11.74
CA LEU A 48 2.88 -49.71 -12.48
C LEU A 48 3.62 -50.65 -11.55
N ALA A 49 3.34 -50.54 -10.26
CA ALA A 49 3.99 -51.37 -9.26
C ALA A 49 3.11 -52.54 -8.83
N THR A 50 1.80 -52.31 -8.82
CA THR A 50 0.85 -53.33 -8.38
C THR A 50 -0.08 -53.75 -9.52
N ARG A 51 -0.05 -52.98 -10.60
CA ARG A 51 -0.92 -53.22 -11.78
C ARG A 51 -2.40 -53.07 -11.43
N LYS A 52 -2.69 -52.48 -10.28
CA LYS A 52 -4.05 -52.30 -9.83
C LYS A 52 -4.63 -51.00 -10.34
N GLU A 53 -5.86 -51.04 -10.82
CA GLU A 53 -6.57 -49.85 -11.24
C GLU A 53 -7.42 -49.30 -10.09
N GLY A 54 -7.48 -47.98 -9.96
CA GLY A 54 -8.23 -47.35 -8.90
C GLY A 54 -7.99 -45.86 -8.84
N TYR A 55 -8.66 -45.18 -7.91
CA TYR A 55 -8.59 -43.73 -7.82
C TYR A 55 -7.43 -43.23 -6.97
N ILE A 56 -6.87 -42.10 -7.35
CA ILE A 56 -5.76 -41.48 -6.62
C ILE A 56 -6.02 -39.99 -6.45
N PRO A 57 -5.48 -39.39 -5.37
CA PRO A 57 -5.62 -37.93 -5.21
C PRO A 57 -4.70 -37.18 -6.17
N SER A 58 -5.27 -36.23 -6.92
CA SER A 58 -4.53 -35.48 -7.94
C SER A 58 -3.27 -34.81 -7.40
N ASN A 59 -3.39 -34.14 -6.27
CA ASN A 59 -2.30 -33.36 -5.70
C ASN A 59 -1.20 -34.19 -5.03
N TYR A 60 -1.24 -35.51 -5.22
CA TYR A 60 -0.23 -36.39 -4.65
C TYR A 60 0.77 -36.86 -5.70
N VAL A 61 0.43 -36.63 -6.96
CA VAL A 61 1.29 -37.06 -8.07
C VAL A 61 1.60 -35.91 -9.03
N ALA A 62 2.60 -36.12 -9.88
CA ALA A 62 2.98 -35.14 -10.88
C ALA A 62 3.58 -35.84 -12.10
N ARG A 63 3.38 -35.27 -13.28
CA ARG A 63 3.89 -35.86 -14.52
C ARG A 63 5.40 -36.09 -14.45
N VAL A 64 5.85 -37.17 -15.05
CA VAL A 64 7.24 -37.60 -14.92
C VAL A 64 8.24 -36.58 -15.45
N ASP A 65 9.25 -36.28 -14.63
CA ASP A 65 10.30 -35.32 -14.95
C ASP A 65 9.77 -33.92 -15.27
N SER A 66 8.61 -33.59 -14.71
CA SER A 66 8.16 -32.21 -14.64
C SER A 66 8.91 -31.60 -13.46
N LEU A 67 8.92 -30.28 -13.37
CA LEU A 67 9.64 -29.60 -12.30
C LEU A 67 9.13 -29.97 -10.92
N GLU A 68 7.84 -30.31 -10.85
CA GLU A 68 7.19 -30.64 -9.58
C GLU A 68 7.77 -31.90 -8.94
N THR A 69 8.41 -32.75 -9.75
CA THR A 69 9.00 -33.98 -9.24
C THR A 69 10.26 -33.68 -8.43
N GLU A 70 10.82 -32.49 -8.61
CA GLU A 70 12.01 -32.08 -7.88
C GLU A 70 11.65 -31.74 -6.44
N GLU A 71 12.60 -31.97 -5.53
CA GLU A 71 12.36 -31.73 -4.11
C GLU A 71 12.36 -30.24 -3.76
N TRP A 72 13.07 -29.45 -4.55
CA TRP A 72 13.23 -28.04 -4.27
C TRP A 72 12.24 -27.14 -5.02
N PHE A 73 11.31 -27.74 -5.74
CA PHE A 73 10.35 -26.97 -6.51
C PHE A 73 8.96 -26.96 -5.90
N PHE A 74 8.29 -25.81 -5.98
CA PHE A 74 6.96 -25.63 -5.41
C PHE A 74 6.05 -24.90 -6.40
N LYS A 75 4.91 -25.50 -6.71
CA LYS A 75 4.00 -24.95 -7.71
C LYS A 75 2.84 -24.20 -7.07
N GLY A 76 2.41 -23.12 -7.72
CA GLY A 76 1.25 -22.35 -7.27
C GLY A 76 1.38 -21.75 -5.89
N ILE A 77 2.56 -21.23 -5.58
CA ILE A 77 2.85 -20.72 -4.25
C ILE A 77 3.33 -19.26 -4.30
N SER A 78 2.70 -18.41 -3.50
CA SER A 78 3.03 -16.97 -3.48
C SER A 78 4.33 -16.70 -2.74
N ARG A 79 4.84 -15.49 -2.89
CA ARG A 79 6.07 -15.07 -2.22
C ARG A 79 5.94 -15.12 -0.71
N LYS A 80 4.81 -14.62 -0.20
CA LYS A 80 4.56 -14.63 1.23
C LYS A 80 4.42 -16.06 1.74
N ASP A 81 3.80 -16.92 0.95
CA ASP A 81 3.67 -18.33 1.29
C ASP A 81 5.03 -19.01 1.31
N ALA A 82 5.91 -18.59 0.39
CA ALA A 82 7.27 -19.10 0.33
C ALA A 82 8.02 -18.72 1.60
N GLU A 83 7.86 -17.47 2.01
CA GLU A 83 8.46 -16.97 3.24
C GLU A 83 7.95 -17.77 4.45
N ARG A 84 6.64 -17.94 4.53
CA ARG A 84 6.03 -18.68 5.63
C ARG A 84 6.50 -20.12 5.73
N GLN A 85 6.56 -20.79 4.58
CA GLN A 85 7.01 -22.19 4.55
C GLN A 85 8.48 -22.32 4.89
N LEU A 86 9.30 -21.41 4.35
CA LEU A 86 10.73 -21.43 4.63
C LEU A 86 11.03 -21.16 6.10
N LEU A 87 10.20 -20.34 6.74
CA LEU A 87 10.40 -19.99 8.13
C LEU A 87 9.76 -20.99 9.09
N ALA A 88 9.04 -21.95 8.53
CA ALA A 88 8.46 -23.04 9.34
C ALA A 88 9.58 -23.86 9.97
N PRO A 89 9.36 -24.32 11.21
CA PRO A 89 10.39 -25.04 11.97
C PRO A 89 10.88 -26.30 11.26
N GLY A 90 12.09 -26.73 11.61
CA GLY A 90 12.71 -27.87 10.94
C GLY A 90 13.77 -27.39 9.97
N ASN A 91 13.41 -26.40 9.16
CA ASN A 91 14.35 -25.78 8.24
C ASN A 91 15.47 -25.04 8.97
N MET A 92 16.56 -24.77 8.27
CA MET A 92 17.70 -24.08 8.85
C MET A 92 18.30 -23.09 7.87
N LEU A 93 19.44 -22.51 8.23
CA LEU A 93 20.14 -21.58 7.35
C LEU A 93 20.51 -22.23 6.02
N GLY A 94 20.09 -21.60 4.93
CA GLY A 94 20.41 -22.09 3.61
C GLY A 94 19.26 -22.83 2.94
N SER A 95 18.20 -23.08 3.71
CA SER A 95 17.02 -23.75 3.19
C SER A 95 16.43 -22.92 2.04
N PHE A 96 16.09 -23.57 0.94
CA PHE A 96 15.68 -22.85 -0.26
C PHE A 96 14.55 -23.52 -1.02
N MET A 97 14.05 -22.81 -2.04
CA MET A 97 13.05 -23.37 -2.95
C MET A 97 13.00 -22.56 -4.25
N ILE A 98 12.50 -23.19 -5.30
CA ILE A 98 12.25 -22.50 -6.57
C ILE A 98 10.77 -22.56 -6.90
N ARG A 99 10.19 -21.44 -7.29
CA ARG A 99 8.73 -21.34 -7.44
C ARG A 99 8.30 -20.50 -8.61
N ASP A 100 7.02 -20.59 -8.95
CA ASP A 100 6.41 -19.72 -9.95
C ASP A 100 6.45 -18.29 -9.46
N SER A 101 6.96 -17.39 -10.30
CA SER A 101 7.01 -15.98 -9.96
C SER A 101 5.60 -15.39 -9.92
N GLU A 102 5.30 -14.63 -8.87
CA GLU A 102 3.99 -14.00 -8.73
C GLU A 102 3.81 -12.89 -9.75
N THR A 103 4.84 -12.09 -9.93
CA THR A 103 4.74 -10.91 -10.79
C THR A 103 5.19 -11.20 -12.22
N THR A 104 6.27 -11.98 -12.36
CA THR A 104 6.79 -12.30 -13.69
C THR A 104 6.23 -13.63 -14.17
N LYS A 105 5.08 -13.58 -14.82
CA LYS A 105 4.40 -14.77 -15.31
C LYS A 105 5.25 -15.57 -16.28
N GLY A 106 5.25 -16.88 -16.13
CA GLY A 106 6.02 -17.77 -17.00
C GLY A 106 7.48 -17.85 -16.59
N SER A 107 7.82 -17.22 -15.47
CA SER A 107 9.19 -17.22 -14.97
C SER A 107 9.28 -17.74 -13.55
N TYR A 108 10.51 -17.93 -13.06
CA TYR A 108 10.73 -18.56 -11.77
C TYR A 108 11.45 -17.63 -10.78
N SER A 109 11.40 -18.02 -9.50
CA SER A 109 12.06 -17.26 -8.46
C SER A 109 12.69 -18.19 -7.42
N LEU A 110 13.82 -17.77 -6.87
CA LEU A 110 14.52 -18.54 -5.84
C LEU A 110 14.36 -17.89 -4.47
N SER A 111 13.89 -18.66 -3.50
CA SER A 111 13.72 -18.15 -2.14
C SER A 111 14.64 -18.88 -1.17
N VAL A 112 15.48 -18.12 -0.46
CA VAL A 112 16.48 -18.70 0.42
C VAL A 112 16.31 -18.20 1.86
N ARG A 113 16.49 -19.10 2.82
CA ARG A 113 16.46 -18.72 4.23
C ARG A 113 17.81 -18.16 4.67
N ASP A 114 17.79 -16.93 5.17
CA ASP A 114 19.00 -16.24 5.62
C ASP A 114 18.76 -15.74 7.04
N TYR A 115 19.82 -15.41 7.76
CA TYR A 115 19.68 -14.73 9.04
C TYR A 115 20.27 -13.34 8.99
N ASP A 116 19.57 -12.39 9.61
CA ASP A 116 20.05 -11.02 9.70
C ASP A 116 20.16 -10.66 11.18
N PRO A 117 21.30 -10.07 11.58
CA PRO A 117 21.50 -9.69 12.99
C PRO A 117 20.53 -8.61 13.43
N ARG A 118 19.90 -7.95 12.48
CA ARG A 118 18.95 -6.88 12.76
C ARG A 118 17.55 -7.44 12.97
N GLN A 119 16.94 -7.92 11.88
CA GLN A 119 15.57 -8.43 11.92
C GLN A 119 15.49 -9.79 12.61
N GLY A 120 16.38 -10.70 12.22
CA GLY A 120 16.35 -12.06 12.71
C GLY A 120 16.37 -13.03 11.55
N ASP A 121 15.59 -14.10 11.65
CA ASP A 121 15.46 -15.05 10.54
C ASP A 121 14.61 -14.44 9.42
N THR A 122 15.17 -14.43 8.22
CA THR A 122 14.50 -13.81 7.07
C THR A 122 14.52 -14.71 5.84
N VAL A 123 13.78 -14.30 4.82
CA VAL A 123 13.72 -15.03 3.56
C VAL A 123 13.98 -14.07 2.40
N LYS A 124 15.07 -14.31 1.66
CA LYS A 124 15.42 -13.46 0.53
C LYS A 124 14.97 -14.08 -0.78
N HIS A 125 14.58 -13.23 -1.73
CA HIS A 125 14.06 -13.70 -3.01
C HIS A 125 14.89 -13.17 -4.18
N TYR A 126 15.02 -13.99 -5.22
CA TYR A 126 15.77 -13.62 -6.41
C TYR A 126 14.99 -14.00 -7.66
N LYS A 127 14.91 -13.08 -8.61
CA LYS A 127 14.26 -13.38 -9.89
C LYS A 127 15.15 -14.32 -10.70
N ILE A 128 14.53 -15.16 -11.52
CA ILE A 128 15.28 -16.05 -12.41
C ILE A 128 14.92 -15.76 -13.87
N ARG A 129 15.94 -15.44 -14.66
CA ARG A 129 15.74 -15.01 -16.04
C ARG A 129 15.71 -16.20 -17.00
N THR A 130 14.98 -16.05 -18.10
CA THR A 130 14.80 -17.11 -19.08
C THR A 130 16.02 -17.27 -20.00
N LEU A 131 15.75 -17.74 -21.22
CA LEU A 131 16.76 -18.04 -22.27
C LEU A 131 18.22 -18.05 -21.84
N GLY A 135 18.31 -22.23 -20.57
CA GLY A 135 19.22 -21.25 -20.01
C GLY A 135 18.62 -20.47 -18.86
N PHE A 136 19.27 -20.51 -17.71
CA PHE A 136 18.80 -19.79 -16.53
C PHE A 136 19.95 -19.13 -15.78
N TYR A 137 19.71 -17.94 -15.25
CA TYR A 137 20.71 -17.24 -14.46
C TYR A 137 20.07 -16.26 -13.48
N ILE A 138 20.75 -16.05 -12.36
CA ILE A 138 20.36 -15.01 -11.41
C ILE A 138 21.22 -13.78 -11.67
N SER A 139 22.52 -14.01 -11.84
CA SER A 139 23.45 -12.97 -12.26
C SER A 139 23.92 -13.29 -13.67
N PRO A 140 24.03 -12.26 -14.53
CA PRO A 140 24.42 -12.42 -15.94
C PRO A 140 25.80 -13.06 -16.12
N ARG A 141 26.57 -13.16 -15.05
CA ARG A 141 27.92 -13.70 -15.13
C ARG A 141 27.96 -15.23 -15.14
N SER A 142 27.18 -15.85 -14.25
CA SER A 142 27.14 -17.30 -14.15
C SER A 142 25.88 -17.87 -14.82
N THR A 143 26.07 -18.51 -15.98
CA THR A 143 24.96 -19.11 -16.71
C THR A 143 24.83 -20.60 -16.37
N PHE A 144 23.59 -21.09 -16.36
CA PHE A 144 23.33 -22.49 -16.04
C PHE A 144 22.32 -23.11 -17.00
N SER A 145 22.63 -24.31 -17.48
CA SER A 145 21.82 -24.99 -18.48
C SER A 145 20.44 -25.38 -17.97
N THR A 146 20.39 -25.85 -16.72
CA THR A 146 19.12 -26.24 -16.11
C THR A 146 18.97 -25.60 -14.74
N LEU A 147 17.78 -25.73 -14.16
CA LEU A 147 17.56 -25.27 -12.79
C LEU A 147 18.42 -26.10 -11.85
N GLN A 148 18.57 -27.38 -12.16
CA GLN A 148 19.31 -28.31 -11.31
C GLN A 148 20.79 -27.94 -11.18
N GLU A 149 21.39 -27.52 -12.29
CA GLU A 149 22.76 -27.04 -12.27
C GLU A 149 22.83 -25.74 -11.47
N LEU A 150 21.80 -24.91 -11.66
CA LEU A 150 21.70 -23.64 -10.96
C LEU A 150 21.75 -23.81 -9.46
N VAL A 151 20.99 -24.77 -8.92
CA VAL A 151 21.04 -25.05 -7.49
C VAL A 151 22.37 -25.73 -7.12
N ASP A 152 22.79 -26.68 -7.95
CA ASP A 152 24.01 -27.44 -7.69
C ASP A 152 25.25 -26.56 -7.53
N HIS A 153 25.23 -25.38 -8.14
CA HIS A 153 26.34 -24.44 -8.01
C HIS A 153 26.41 -23.84 -6.61
N TYR A 154 25.28 -23.35 -6.13
CA TYR A 154 25.25 -22.58 -4.88
C TYR A 154 25.22 -23.45 -3.62
N LYS A 155 25.12 -24.76 -3.78
CA LYS A 155 25.07 -25.65 -2.62
C LYS A 155 26.36 -25.61 -1.81
N LYS A 156 27.46 -25.28 -2.47
CA LYS A 156 28.72 -25.01 -1.78
C LYS A 156 29.43 -23.83 -2.44
N GLY A 157 29.38 -22.67 -1.78
CA GLY A 157 29.96 -21.47 -2.33
C GLY A 157 28.96 -20.67 -3.13
N ASN A 158 28.60 -19.50 -2.63
CA ASN A 158 27.62 -18.64 -3.28
C ASN A 158 28.28 -17.61 -4.19
N ASP A 159 27.48 -17.02 -5.08
CA ASP A 159 27.97 -15.96 -5.97
C ASP A 159 27.94 -14.60 -5.30
N GLY A 160 27.74 -14.60 -3.98
CA GLY A 160 27.67 -13.35 -3.22
C GLY A 160 26.24 -13.04 -2.82
N LEU A 161 25.53 -14.07 -2.36
CA LEU A 161 24.15 -13.90 -1.93
C LEU A 161 23.92 -14.42 -0.51
N CYS A 162 23.69 -13.50 0.42
CA CYS A 162 23.31 -13.80 1.80
C CYS A 162 23.95 -15.05 2.40
N GLN A 163 23.25 -16.18 2.29
CA GLN A 163 23.80 -17.48 2.66
C GLN A 163 23.84 -18.40 1.46
N LYS A 164 24.68 -19.43 1.52
CA LYS A 164 24.77 -20.43 0.46
C LYS A 164 23.58 -21.38 0.50
N LEU A 165 23.33 -22.08 -0.61
CA LEU A 165 22.24 -23.04 -0.67
C LEU A 165 22.54 -24.29 0.16
N SER A 166 21.49 -24.86 0.75
CA SER A 166 21.63 -26.05 1.57
C SER A 166 20.64 -27.11 1.15
N VAL A 167 19.85 -27.60 2.10
CA VAL A 167 18.82 -28.58 1.82
C VAL A 167 17.55 -27.89 1.35
N PRO A 168 16.79 -28.55 0.46
CA PRO A 168 15.51 -28.00 -0.02
C PRO A 168 14.53 -27.76 1.11
N CYS A 169 13.54 -26.92 0.88
CA CYS A 169 12.54 -26.60 1.90
C CYS A 169 11.73 -27.83 2.27
N MET A 170 11.53 -28.03 3.57
CA MET A 170 10.74 -29.15 4.06
C MET A 170 9.28 -29.00 3.65
N SER A 171 8.65 -30.12 3.30
CA SER A 171 7.26 -30.11 2.88
C SER A 171 6.51 -31.33 3.40
N SER A 172 5.35 -31.09 3.99
CA SER A 172 4.52 -32.17 4.52
C SER A 172 3.55 -32.69 3.47
N LYS A 173 2.88 -33.78 3.78
CA LYS A 173 1.87 -34.34 2.89
C LYS A 173 0.67 -33.40 2.86
N PRO A 174 0.16 -33.12 1.65
CA PRO A 174 -1.06 -32.31 1.51
C PRO A 174 -2.25 -33.03 2.14
N GLN A 175 -3.30 -32.29 2.46
CA GLN A 175 -4.50 -32.91 3.01
C GLN A 175 -5.17 -33.78 1.96
N LYS A 176 -5.44 -35.03 2.32
CA LYS A 176 -6.14 -35.95 1.44
C LYS A 176 -7.52 -35.37 1.14
N PRO A 177 -7.81 -35.15 -0.14
CA PRO A 177 -9.09 -34.55 -0.56
C PRO A 177 -10.29 -35.36 -0.09
N TRP A 178 -11.44 -34.72 -0.04
CA TRP A 178 -12.64 -35.38 0.44
C TRP A 178 -13.01 -36.55 -0.47
N GLU A 179 -13.78 -37.49 0.06
CA GLU A 179 -14.22 -38.66 -0.68
C GLU A 179 -14.88 -38.27 -2.00
N LYS A 180 -14.61 -39.05 -3.04
CA LYS A 180 -15.15 -38.81 -4.37
C LYS A 180 -16.67 -38.70 -4.35
N ASP A 181 -17.16 -37.50 -4.65
CA ASP A 181 -18.60 -37.21 -4.67
C ASP A 181 -19.30 -37.61 -3.37
N ALA A 182 -18.99 -36.90 -2.29
CA ALA A 182 -19.60 -37.16 -0.99
C ALA A 182 -19.96 -35.85 -0.30
N TRP A 183 -20.70 -35.01 -1.02
CA TRP A 183 -21.13 -33.72 -0.49
C TRP A 183 -22.31 -33.89 0.46
N GLU A 184 -23.34 -34.59 0.02
CA GLU A 184 -24.47 -34.92 0.88
C GLU A 184 -24.32 -36.34 1.41
N ILE A 185 -23.95 -36.45 2.69
CA ILE A 185 -23.69 -37.75 3.30
C ILE A 185 -24.80 -38.17 4.25
N PRO A 186 -24.97 -39.48 4.45
CA PRO A 186 -25.91 -39.95 5.48
C PRO A 186 -25.28 -39.75 6.86
N ARG A 187 -26.12 -39.55 7.87
CA ARG A 187 -25.64 -39.28 9.22
C ARG A 187 -24.86 -40.48 9.77
N GLU A 188 -25.21 -41.67 9.28
CA GLU A 188 -24.61 -42.93 9.77
C GLU A 188 -23.11 -42.99 9.57
N SER A 189 -22.61 -42.25 8.58
CA SER A 189 -21.18 -42.24 8.27
C SER A 189 -20.37 -41.56 9.37
N LEU A 190 -21.05 -40.80 10.23
CA LEU A 190 -20.38 -40.00 11.24
C LEU A 190 -20.45 -40.62 12.64
N LYS A 191 -19.37 -40.47 13.38
CA LYS A 191 -19.34 -40.84 14.80
C LYS A 191 -18.85 -39.64 15.60
N LEU A 192 -19.78 -38.80 16.04
CA LEU A 192 -19.43 -37.60 16.79
C LEU A 192 -18.85 -38.01 18.14
N GLU A 193 -17.53 -38.07 18.22
CA GLU A 193 -16.85 -38.67 19.36
C GLU A 193 -16.67 -37.77 20.58
N LYS A 194 -16.42 -36.48 20.38
CA LYS A 194 -16.20 -35.59 21.52
C LYS A 194 -16.67 -34.15 21.32
N LYS A 195 -17.51 -33.69 22.24
CA LYS A 195 -18.02 -32.31 22.18
C LYS A 195 -16.92 -31.30 22.45
N LEU A 196 -16.72 -30.38 21.50
CA LEU A 196 -15.68 -29.36 21.62
C LEU A 196 -16.23 -28.08 22.23
N GLY A 197 -17.46 -27.74 21.86
CA GLY A 197 -18.11 -26.54 22.36
C GLY A 197 -19.58 -26.50 22.03
N ALA A 198 -20.34 -25.71 22.78
CA ALA A 198 -21.77 -25.58 22.57
C ALA A 198 -22.18 -24.12 22.46
N GLY A 199 -23.37 -23.88 21.95
CA GLY A 199 -23.85 -22.52 21.77
C GLY A 199 -25.37 -22.38 21.73
N GLN A 200 -25.82 -21.16 21.49
CA GLN A 200 -27.24 -20.85 21.41
C GLN A 200 -27.90 -21.49 20.19
N PHE A 201 -27.11 -21.73 19.15
CA PHE A 201 -27.65 -22.23 17.90
C PHE A 201 -27.23 -23.66 17.58
N GLY A 202 -26.35 -24.22 18.42
CA GLY A 202 -25.90 -25.58 18.23
C GLY A 202 -24.60 -25.90 18.92
N GLU A 203 -23.94 -26.98 18.49
CA GLU A 203 -22.69 -27.41 19.10
C GLU A 203 -21.63 -27.80 18.06
N VAL A 204 -20.41 -28.04 18.52
CA VAL A 204 -19.34 -28.47 17.64
C VAL A 204 -18.63 -29.71 18.22
N TRP A 205 -18.49 -30.73 17.38
CA TRP A 205 -17.90 -31.99 17.82
C TRP A 205 -16.66 -32.36 17.00
N MET A 206 -15.71 -33.00 17.66
CA MET A 206 -14.65 -33.71 16.95
C MET A 206 -15.19 -35.09 16.64
N ALA A 207 -15.17 -35.46 15.37
CA ALA A 207 -15.81 -36.70 14.92
C ALA A 207 -14.93 -37.43 13.91
N THR A 208 -15.38 -38.61 13.48
CA THR A 208 -14.70 -39.34 12.42
C THR A 208 -15.68 -39.71 11.32
N TYR A 209 -15.17 -39.67 10.09
CA TYR A 209 -15.94 -40.06 8.91
C TYR A 209 -15.42 -41.40 8.42
N ASN A 210 -16.32 -42.39 8.36
CA ASN A 210 -15.99 -43.76 7.97
C ASN A 210 -14.73 -44.35 8.59
N LYS A 211 -14.60 -44.16 9.90
CA LYS A 211 -13.57 -44.81 10.71
C LYS A 211 -12.15 -44.61 10.18
N HIS A 212 -11.91 -43.46 9.55
CA HIS A 212 -10.60 -43.16 8.98
C HIS A 212 -10.31 -41.67 8.82
N THR A 213 -11.34 -40.84 8.69
CA THR A 213 -11.13 -39.42 8.44
C THR A 213 -11.59 -38.50 9.58
N LYS A 214 -10.63 -38.01 10.35
CA LYS A 214 -10.92 -37.09 11.46
C LYS A 214 -11.47 -35.76 10.94
N VAL A 215 -12.66 -35.39 11.41
CA VAL A 215 -13.32 -34.16 10.98
C VAL A 215 -13.96 -33.41 12.14
N ALA A 216 -14.53 -32.25 11.84
CA ALA A 216 -15.29 -31.48 12.82
C ALA A 216 -16.71 -31.29 12.34
N VAL A 217 -17.66 -31.28 13.27
CA VAL A 217 -19.07 -31.19 12.92
C VAL A 217 -19.81 -30.11 13.69
N LYS A 218 -20.36 -29.14 12.96
CA LYS A 218 -21.21 -28.13 13.57
C LYS A 218 -22.66 -28.58 13.47
N THR A 219 -23.21 -29.05 14.59
CA THR A 219 -24.58 -29.51 14.65
C THR A 219 -25.50 -28.33 14.95
N MET A 220 -26.47 -28.10 14.07
CA MET A 220 -27.37 -26.95 14.21
C MET A 220 -28.73 -27.37 14.79
N LYS A 221 -29.18 -26.67 15.82
CA LYS A 221 -30.50 -26.90 16.38
C LYS A 221 -31.57 -26.36 15.42
N PRO A 222 -32.63 -27.15 15.20
CA PRO A 222 -33.73 -26.76 14.30
C PRO A 222 -34.47 -25.52 14.80
N GLY A 223 -34.62 -24.53 13.94
CA GLY A 223 -35.32 -23.31 14.31
C GLY A 223 -35.50 -22.35 13.16
N SER A 224 -34.98 -21.14 13.30
CA SER A 224 -35.09 -20.11 12.28
C SER A 224 -34.33 -20.50 11.01
N MET A 225 -33.36 -21.38 11.15
CA MET A 225 -32.56 -21.84 10.03
C MET A 225 -33.42 -22.65 9.07
N SER A 226 -34.01 -21.96 8.09
CA SER A 226 -34.83 -22.63 7.07
C SER A 226 -33.97 -23.61 6.28
N VAL A 227 -34.39 -24.88 6.27
CA VAL A 227 -33.60 -25.97 5.71
C VAL A 227 -33.12 -25.74 4.27
N GLU A 228 -34.07 -25.56 3.35
CA GLU A 228 -33.76 -25.40 1.94
C GLU A 228 -32.92 -24.14 1.68
N ALA A 229 -33.30 -23.04 2.32
CA ALA A 229 -32.57 -21.79 2.19
C ALA A 229 -31.15 -21.95 2.71
N PHE A 230 -31.00 -22.58 3.87
CA PHE A 230 -29.69 -22.82 4.45
C PHE A 230 -28.81 -23.67 3.54
N LEU A 231 -29.41 -24.71 2.96
CA LEU A 231 -28.65 -25.59 2.08
C LEU A 231 -28.26 -24.90 0.78
N ALA A 232 -29.07 -23.93 0.36
CA ALA A 232 -28.72 -23.10 -0.78
C ALA A 232 -27.48 -22.28 -0.41
N GLU A 233 -27.52 -21.65 0.76
CA GLU A 233 -26.42 -20.84 1.24
C GLU A 233 -25.15 -21.67 1.41
N ALA A 234 -25.32 -22.93 1.82
CA ALA A 234 -24.18 -23.83 1.99
C ALA A 234 -23.60 -24.25 0.64
N ASN A 235 -24.48 -24.47 -0.33
CA ASN A 235 -24.05 -24.74 -1.70
C ASN A 235 -23.29 -23.55 -2.28
N VAL A 236 -23.57 -22.36 -1.76
CA VAL A 236 -22.78 -21.19 -2.11
C VAL A 236 -21.44 -21.25 -1.38
N MET A 237 -21.47 -21.61 -0.11
CA MET A 237 -20.27 -21.67 0.73
C MET A 237 -19.23 -22.67 0.23
N LYS A 238 -19.69 -23.76 -0.37
CA LYS A 238 -18.80 -24.80 -0.87
C LYS A 238 -17.87 -24.28 -1.97
N THR A 239 -18.36 -23.32 -2.75
CA THR A 239 -17.59 -22.79 -3.87
C THR A 239 -16.48 -21.85 -3.39
N LEU A 240 -16.68 -21.24 -2.23
CA LEU A 240 -15.71 -20.29 -1.69
C LEU A 240 -14.53 -20.99 -1.02
N GLN A 241 -13.76 -21.74 -1.81
CA GLN A 241 -12.60 -22.43 -1.29
C GLN A 241 -11.34 -21.56 -1.38
N HIS A 242 -10.56 -21.58 -0.30
CA HIS A 242 -9.34 -20.79 -0.21
C HIS A 242 -8.53 -21.33 0.96
N ASP A 243 -7.21 -21.21 0.89
CA ASP A 243 -6.34 -21.76 1.93
C ASP A 243 -6.60 -21.12 3.29
N LYS A 244 -7.16 -19.92 3.30
CA LYS A 244 -7.42 -19.18 4.53
C LYS A 244 -8.88 -19.27 4.95
N LEU A 245 -9.66 -20.07 4.23
CA LEU A 245 -11.01 -20.41 4.65
C LEU A 245 -11.05 -21.88 5.01
N VAL A 246 -11.66 -22.22 6.14
CA VAL A 246 -11.73 -23.60 6.58
C VAL A 246 -12.48 -24.46 5.56
N LYS A 247 -11.92 -25.62 5.26
CA LYS A 247 -12.47 -26.51 4.23
C LYS A 247 -13.84 -27.05 4.63
N LEU A 248 -14.84 -26.79 3.79
CA LEU A 248 -16.18 -27.31 4.02
C LEU A 248 -16.39 -28.61 3.24
N HIS A 249 -16.30 -29.74 3.95
CA HIS A 249 -16.36 -31.05 3.33
C HIS A 249 -17.77 -31.49 2.93
N ALA A 250 -18.57 -31.88 3.92
CA ALA A 250 -19.89 -32.46 3.64
C ALA A 250 -21.03 -31.85 4.45
N VAL A 251 -22.25 -32.29 4.15
CA VAL A 251 -23.45 -31.78 4.81
C VAL A 251 -24.50 -32.88 4.99
N VAL A 252 -25.03 -32.98 6.20
CA VAL A 252 -26.17 -33.87 6.46
C VAL A 252 -27.45 -33.05 6.36
N THR A 253 -28.25 -33.31 5.33
CA THR A 253 -29.38 -32.46 4.98
C THR A 253 -30.62 -32.65 5.85
N LYS A 254 -30.69 -33.79 6.54
CA LYS A 254 -31.85 -34.08 7.38
C LYS A 254 -31.75 -33.36 8.72
N GLU A 255 -32.79 -32.61 9.06
CA GLU A 255 -32.85 -31.87 10.33
C GLU A 255 -32.75 -32.83 11.51
N PRO A 256 -31.85 -32.55 12.46
CA PRO A 256 -30.97 -31.38 12.55
C PRO A 256 -29.77 -31.45 11.60
N ILE A 257 -29.46 -30.33 10.96
CA ILE A 257 -28.42 -30.27 9.94
C ILE A 257 -27.01 -30.31 10.53
N TYR A 258 -26.16 -31.16 9.96
CA TYR A 258 -24.77 -31.27 10.40
C TYR A 258 -23.83 -30.68 9.34
N ILE A 259 -22.92 -29.82 9.79
CA ILE A 259 -21.91 -29.24 8.89
C ILE A 259 -20.55 -29.88 9.13
N ILE A 260 -20.07 -30.62 8.13
CA ILE A 260 -18.82 -31.36 8.27
C ILE A 260 -17.66 -30.61 7.63
N THR A 261 -16.67 -30.26 8.45
CA THR A 261 -15.52 -29.48 7.97
C THR A 261 -14.20 -30.09 8.40
N GLU A 262 -13.13 -29.52 7.86
CA GLU A 262 -11.76 -29.80 8.25
C GLU A 262 -11.58 -29.58 9.76
N PHE A 263 -10.73 -30.39 10.39
CA PHE A 263 -10.49 -30.26 11.81
C PHE A 263 -9.26 -29.41 12.13
N MET A 264 -9.46 -28.37 12.94
CA MET A 264 -8.37 -27.49 13.35
C MET A 264 -7.86 -27.86 14.74
N ALA A 265 -6.64 -28.38 14.79
CA ALA A 265 -6.09 -28.95 16.02
C ALA A 265 -6.06 -28.00 17.23
N LYS A 266 -5.78 -26.73 16.99
CA LYS A 266 -5.59 -25.78 18.09
C LYS A 266 -6.77 -24.84 18.32
N GLY A 267 -7.94 -25.22 17.83
CA GLY A 267 -9.18 -24.51 18.11
C GLY A 267 -9.24 -23.08 17.59
N SER A 268 -9.97 -22.23 18.31
CA SER A 268 -10.17 -20.85 17.88
C SER A 268 -8.95 -19.99 18.19
N LEU A 269 -8.84 -18.87 17.49
CA LEU A 269 -7.72 -17.96 17.67
C LEU A 269 -7.75 -17.34 19.06
N LEU A 270 -8.95 -17.09 19.56
CA LEU A 270 -9.13 -16.51 20.88
C LEU A 270 -8.54 -17.41 21.95
N ASP A 271 -8.96 -18.67 21.97
CA ASP A 271 -8.47 -19.65 22.93
C ASP A 271 -6.96 -19.85 22.82
N PHE A 272 -6.46 -19.93 21.58
CA PHE A 272 -5.03 -20.12 21.37
C PHE A 272 -4.22 -18.95 21.90
N LEU A 273 -4.68 -17.73 21.63
CA LEU A 273 -4.03 -16.53 22.14
C LEU A 273 -4.03 -16.54 23.67
N LYS A 274 -5.14 -16.95 24.25
CA LYS A 274 -5.28 -16.97 25.70
C LYS A 274 -4.47 -18.09 26.36
N SER A 275 -4.02 -19.06 25.57
CA SER A 275 -3.23 -20.17 26.10
C SER A 275 -1.78 -19.74 26.35
N ASP A 276 -0.95 -20.69 26.74
CA ASP A 276 0.45 -20.38 27.05
C ASP A 276 1.30 -20.29 25.79
N GLU A 277 1.07 -21.21 24.85
CA GLU A 277 1.78 -21.21 23.58
C GLU A 277 1.48 -19.92 22.82
N GLY A 278 0.23 -19.46 22.95
CA GLY A 278 -0.18 -18.20 22.35
C GLY A 278 0.48 -17.02 23.01
N SER A 279 0.75 -17.14 24.30
CA SER A 279 1.45 -16.08 25.03
C SER A 279 2.94 -16.10 24.72
N LYS A 280 3.41 -17.20 24.15
CA LYS A 280 4.80 -17.32 23.74
C LYS A 280 5.06 -16.66 22.38
N GLN A 281 3.99 -16.37 21.65
CA GLN A 281 4.10 -15.86 20.30
C GLN A 281 4.45 -14.37 20.26
N PRO A 282 5.59 -14.03 19.63
CA PRO A 282 6.03 -12.64 19.53
C PRO A 282 5.19 -11.84 18.52
N LEU A 283 5.36 -10.51 18.56
CA LEU A 283 4.60 -9.58 17.72
C LEU A 283 4.61 -9.85 16.20
N PRO A 284 5.79 -10.15 15.61
CA PRO A 284 5.79 -10.46 14.17
C PRO A 284 4.86 -11.61 13.81
N LYS A 285 4.77 -12.61 14.69
CA LYS A 285 3.92 -13.76 14.45
C LYS A 285 2.44 -13.37 14.50
N LEU A 286 2.09 -12.50 15.45
CA LEU A 286 0.72 -11.99 15.55
C LEU A 286 0.34 -11.24 14.29
N ILE A 287 1.28 -10.41 13.82
CA ILE A 287 1.10 -9.68 12.57
C ILE A 287 0.90 -10.64 11.40
N ASP A 288 1.60 -11.78 11.45
CA ASP A 288 1.46 -12.80 10.43
C ASP A 288 0.06 -13.41 10.45
N PHE A 289 -0.42 -13.72 11.65
CA PHE A 289 -1.78 -14.23 11.84
C PHE A 289 -2.78 -13.30 11.19
N SER A 290 -2.71 -12.03 11.57
CA SER A 290 -3.61 -11.02 11.07
C SER A 290 -3.47 -10.85 9.55
N ALA A 291 -2.28 -11.11 9.05
CA ALA A 291 -2.04 -11.05 7.60
C ALA A 291 -2.77 -12.18 6.89
N GLN A 292 -2.75 -13.37 7.48
CA GLN A 292 -3.47 -14.51 6.93
C GLN A 292 -4.97 -14.27 6.94
N ILE A 293 -5.48 -13.74 8.06
CA ILE A 293 -6.89 -13.39 8.17
C ILE A 293 -7.27 -12.36 7.12
N ALA A 294 -6.44 -11.34 6.98
CA ALA A 294 -6.69 -10.28 6.01
C ALA A 294 -6.65 -10.82 4.58
N GLU A 295 -5.85 -11.86 4.37
CA GLU A 295 -5.79 -12.51 3.07
C GLU A 295 -7.12 -13.21 2.79
N GLY A 296 -7.62 -13.95 3.77
CA GLY A 296 -8.91 -14.62 3.64
C GLY A 296 -10.03 -13.64 3.37
N MET A 297 -10.03 -12.53 4.11
CA MET A 297 -11.04 -11.50 3.94
C MET A 297 -10.90 -10.79 2.60
N ALA A 298 -9.68 -10.76 2.08
CA ALA A 298 -9.43 -10.18 0.76
C ALA A 298 -10.04 -11.07 -0.30
N PHE A 299 -9.92 -12.38 -0.10
CA PHE A 299 -10.54 -13.35 -0.99
C PHE A 299 -12.06 -13.20 -0.96
N ILE A 300 -12.62 -13.11 0.25
CA ILE A 300 -14.05 -12.94 0.43
C ILE A 300 -14.53 -11.64 -0.23
N GLU A 301 -13.71 -10.60 -0.14
CA GLU A 301 -14.00 -9.30 -0.74
C GLU A 301 -14.00 -9.38 -2.27
N GLN A 302 -13.02 -10.08 -2.82
CA GLN A 302 -12.91 -10.29 -4.26
C GLN A 302 -14.16 -10.97 -4.82
N ARG A 303 -14.77 -11.83 -4.00
CA ARG A 303 -15.98 -12.54 -4.38
C ARG A 303 -17.24 -11.74 -4.07
N ASN A 304 -17.06 -10.61 -3.39
CA ASN A 304 -18.14 -9.67 -3.03
C ASN A 304 -19.08 -10.13 -1.91
N TYR A 305 -18.83 -11.32 -1.36
CA TYR A 305 -19.65 -11.82 -0.26
C TYR A 305 -19.26 -11.13 1.05
N ILE A 306 -20.11 -11.29 2.06
CA ILE A 306 -19.91 -10.61 3.34
C ILE A 306 -19.88 -11.62 4.50
N HIS A 307 -19.00 -11.38 5.47
CA HIS A 307 -18.83 -12.32 6.59
C HIS A 307 -19.82 -12.08 7.74
N ARG A 308 -19.99 -10.82 8.10
CA ARG A 308 -20.99 -10.37 9.09
C ARG A 308 -20.65 -10.62 10.57
N ASP A 309 -19.67 -11.48 10.85
CA ASP A 309 -19.27 -11.72 12.24
C ASP A 309 -17.79 -12.07 12.38
N LEU A 310 -16.93 -11.07 12.17
CA LEU A 310 -15.49 -11.28 12.21
C LEU A 310 -14.92 -11.01 13.60
N ARG A 311 -14.31 -12.03 14.19
CA ARG A 311 -13.61 -11.89 15.47
C ARG A 311 -12.77 -13.13 15.74
N ALA A 312 -11.93 -13.05 16.77
CA ALA A 312 -10.98 -14.13 17.08
C ALA A 312 -11.65 -15.46 17.38
N ALA A 313 -12.90 -15.41 17.85
CA ALA A 313 -13.64 -16.62 18.18
C ALA A 313 -14.07 -17.38 16.92
N ASN A 314 -14.29 -16.66 15.84
CA ASN A 314 -14.68 -17.27 14.57
C ASN A 314 -13.48 -17.51 13.64
N ILE A 315 -12.28 -17.45 14.21
CA ILE A 315 -11.07 -17.77 13.46
C ILE A 315 -10.45 -19.03 14.05
N LEU A 316 -10.15 -20.01 13.19
CA LEU A 316 -9.59 -21.27 13.65
C LEU A 316 -8.09 -21.35 13.40
N VAL A 317 -7.41 -22.17 14.18
CA VAL A 317 -5.96 -22.31 14.08
C VAL A 317 -5.55 -23.77 13.90
N SER A 318 -4.72 -24.04 12.90
CA SER A 318 -4.25 -25.40 12.63
C SER A 318 -3.11 -25.75 13.57
N ALA A 319 -2.66 -27.00 13.48
CA ALA A 319 -1.55 -27.47 14.31
C ALA A 319 -0.25 -26.76 13.94
N SER A 320 -0.16 -26.32 12.68
CA SER A 320 1.02 -25.63 12.20
C SER A 320 0.84 -24.11 12.18
N LEU A 321 -0.05 -23.62 13.03
CA LEU A 321 -0.28 -22.19 13.21
C LEU A 321 -0.76 -21.46 11.96
N VAL A 322 -1.55 -22.14 11.13
CA VAL A 322 -2.19 -21.50 10.00
C VAL A 322 -3.60 -21.04 10.39
N CYS A 323 -3.87 -19.76 10.21
CA CYS A 323 -5.17 -19.20 10.57
C CYS A 323 -6.17 -19.33 9.43
N LYS A 324 -7.36 -19.81 9.74
CA LYS A 324 -8.42 -19.92 8.75
C LYS A 324 -9.72 -19.28 9.25
N ILE A 325 -10.53 -18.79 8.32
CA ILE A 325 -11.80 -18.16 8.65
C ILE A 325 -12.93 -19.19 8.72
N ALA A 326 -13.79 -19.06 9.73
CA ALA A 326 -14.93 -19.96 9.87
C ALA A 326 -16.24 -19.17 9.98
N ASP A 327 -17.35 -19.88 9.87
CA ASP A 327 -18.69 -19.30 10.02
C ASP A 327 -19.01 -18.21 8.99
N PHE A 328 -18.31 -18.23 7.86
CA PHE A 328 -18.57 -17.26 6.81
C PHE A 328 -19.91 -17.53 6.14
N GLY A 329 -20.70 -16.47 5.96
CA GLY A 329 -22.02 -16.58 5.36
C GLY A 329 -23.06 -17.10 6.34
N LEU A 330 -22.64 -18.03 7.19
CA LEU A 330 -23.51 -18.64 8.20
C LEU A 330 -24.07 -17.60 9.17
N ALA A 331 -23.37 -16.47 9.30
CA ALA A 331 -23.79 -15.40 10.19
C ALA A 331 -25.03 -14.66 9.69
N ARG A 332 -25.62 -15.16 8.62
CA ARG A 332 -26.81 -14.55 8.03
C ARG A 332 -28.05 -15.44 8.16
N VAL A 333 -27.86 -16.74 7.92
CA VAL A 333 -28.96 -17.68 7.86
C VAL A 333 -29.60 -18.03 9.21
N ILE A 334 -28.99 -17.54 10.29
CA ILE A 334 -29.47 -17.86 11.64
C ILE A 334 -30.90 -17.38 11.89
N PRO A 348 -22.56 -8.74 20.76
CA PRO A 348 -21.83 -8.86 19.50
C PRO A 348 -21.50 -7.50 18.92
N ILE A 349 -22.03 -6.44 19.52
CA ILE A 349 -21.91 -5.09 18.99
C ILE A 349 -20.51 -4.50 19.13
N LYS A 350 -19.69 -5.09 19.99
CA LYS A 350 -18.33 -4.59 20.21
C LYS A 350 -17.42 -4.84 19.01
N TRP A 351 -17.86 -5.71 18.11
CA TRP A 351 -17.12 -5.98 16.87
C TRP A 351 -17.86 -5.42 15.67
N THR A 352 -18.97 -4.75 15.92
CA THR A 352 -19.86 -4.32 14.84
C THR A 352 -19.70 -2.84 14.50
N ALA A 353 -19.66 -2.54 13.21
CA ALA A 353 -19.59 -1.16 12.74
C ALA A 353 -20.88 -0.41 13.07
N PRO A 354 -20.76 0.90 13.35
CA PRO A 354 -21.90 1.74 13.75
C PRO A 354 -23.08 1.70 12.79
N GLU A 355 -22.80 1.70 11.48
CA GLU A 355 -23.89 1.69 10.49
C GLU A 355 -24.67 0.39 10.54
N ALA A 356 -23.99 -0.69 10.90
CA ALA A 356 -24.63 -1.99 11.02
C ALA A 356 -25.38 -2.11 12.34
N ILE A 357 -24.90 -1.40 13.35
CA ILE A 357 -25.55 -1.36 14.65
C ILE A 357 -26.86 -0.57 14.59
N ASN A 358 -26.81 0.55 13.87
CA ASN A 358 -27.96 1.45 13.80
C ASN A 358 -28.98 1.10 12.73
N PHE A 359 -28.51 0.89 11.51
CA PHE A 359 -29.42 0.69 10.38
C PHE A 359 -29.32 -0.70 9.78
N GLY A 360 -28.52 -1.57 10.40
CA GLY A 360 -28.36 -2.94 9.95
C GLY A 360 -27.77 -3.04 8.55
N SER A 361 -26.90 -2.10 8.21
CA SER A 361 -26.26 -2.10 6.90
C SER A 361 -24.90 -2.81 6.94
N PHE A 362 -24.94 -4.13 6.85
CA PHE A 362 -23.72 -4.93 6.87
C PHE A 362 -23.07 -5.00 5.50
N THR A 363 -21.88 -4.42 5.37
CA THR A 363 -21.12 -4.48 4.13
C THR A 363 -19.73 -5.02 4.39
N ILE A 364 -18.89 -5.01 3.36
CA ILE A 364 -17.51 -5.45 3.49
C ILE A 364 -16.69 -4.45 4.31
N LYS A 365 -17.17 -3.21 4.34
CA LYS A 365 -16.51 -2.17 5.11
C LYS A 365 -16.78 -2.34 6.61
N SER A 366 -17.97 -2.80 6.94
CA SER A 366 -18.29 -3.15 8.32
C SER A 366 -17.41 -4.32 8.76
N ASP A 367 -17.14 -5.22 7.81
CA ASP A 367 -16.20 -6.31 8.04
C ASP A 367 -14.79 -5.76 8.26
N VAL A 368 -14.46 -4.66 7.61
CA VAL A 368 -13.17 -4.00 7.79
C VAL A 368 -13.06 -3.44 9.22
N TRP A 369 -14.12 -2.79 9.67
CA TRP A 369 -14.22 -2.33 11.06
C TRP A 369 -13.99 -3.50 11.99
N SER A 370 -14.74 -4.58 11.79
CA SER A 370 -14.61 -5.79 12.58
C SER A 370 -13.17 -6.31 12.56
N PHE A 371 -12.50 -6.15 11.44
CA PHE A 371 -11.12 -6.57 11.32
C PHE A 371 -10.19 -5.69 12.16
N GLY A 372 -10.55 -4.42 12.29
CA GLY A 372 -9.81 -3.52 13.15
C GLY A 372 -9.92 -3.96 14.59
N ILE A 373 -11.15 -4.25 15.01
CA ILE A 373 -11.40 -4.72 16.38
C ILE A 373 -10.66 -6.04 16.62
N LEU A 374 -10.70 -6.92 15.63
CA LEU A 374 -10.02 -8.22 15.72
C LEU A 374 -8.51 -8.01 15.79
N LEU A 375 -8.02 -6.99 15.11
CA LEU A 375 -6.61 -6.65 15.13
C LEU A 375 -6.19 -6.29 16.55
N MET A 376 -6.98 -5.43 17.19
CA MET A 376 -6.77 -5.06 18.57
C MET A 376 -6.82 -6.30 19.46
N GLU A 377 -7.80 -7.15 19.19
CA GLU A 377 -8.01 -8.37 19.96
C GLU A 377 -6.79 -9.30 19.88
N ILE A 378 -6.15 -9.31 18.71
CA ILE A 378 -4.95 -10.10 18.50
C ILE A 378 -3.76 -9.52 19.25
N VAL A 379 -3.55 -8.21 19.13
CA VAL A 379 -2.39 -7.56 19.71
C VAL A 379 -2.44 -7.55 21.24
N THR A 380 -3.62 -7.76 21.81
CA THR A 380 -3.78 -7.80 23.26
C THR A 380 -3.98 -9.24 23.76
N TYR A 381 -3.60 -10.20 22.93
CA TYR A 381 -3.64 -11.63 23.29
C TYR A 381 -5.01 -12.12 23.74
N GLY A 382 -6.05 -11.69 23.04
CA GLY A 382 -7.38 -12.19 23.29
C GLY A 382 -8.20 -11.40 24.30
N ARG A 383 -7.69 -10.24 24.68
CA ARG A 383 -8.40 -9.37 25.60
C ARG A 383 -9.71 -8.90 24.98
N ILE A 384 -10.74 -8.75 25.81
CA ILE A 384 -12.03 -8.25 25.35
C ILE A 384 -11.89 -6.79 24.93
N PRO A 385 -12.42 -6.45 23.74
CA PRO A 385 -12.41 -5.05 23.29
C PRO A 385 -13.23 -4.17 24.22
N TYR A 386 -12.79 -2.92 24.40
CA TYR A 386 -13.40 -1.98 25.34
C TYR A 386 -13.52 -2.59 26.74
N PRO A 387 -12.38 -2.86 27.40
CA PRO A 387 -12.41 -3.53 28.70
C PRO A 387 -12.98 -2.64 29.81
N GLY A 388 -14.05 -3.12 30.44
CA GLY A 388 -14.68 -2.40 31.53
C GLY A 388 -15.94 -1.66 31.11
N MET A 389 -16.23 -1.68 29.81
CA MET A 389 -17.39 -0.99 29.28
C MET A 389 -18.49 -1.97 28.87
N SER A 390 -19.73 -1.59 29.12
CA SER A 390 -20.88 -2.39 28.68
C SER A 390 -21.20 -2.06 27.22
N ASN A 391 -22.14 -2.79 26.64
CA ASN A 391 -22.55 -2.53 25.27
C ASN A 391 -23.10 -1.11 25.03
N PRO A 392 -24.07 -0.65 25.84
CA PRO A 392 -24.54 0.72 25.63
C PRO A 392 -23.46 1.75 25.94
N GLU A 393 -22.57 1.42 26.86
CA GLU A 393 -21.44 2.28 27.19
C GLU A 393 -20.61 2.54 25.94
N VAL A 394 -20.24 1.45 25.27
CA VAL A 394 -19.48 1.53 24.02
C VAL A 394 -20.27 2.28 22.95
N ILE A 395 -21.55 1.98 22.84
CA ILE A 395 -22.41 2.64 21.84
C ILE A 395 -22.41 4.16 22.02
N ARG A 396 -22.56 4.62 23.25
CA ARG A 396 -22.49 6.05 23.53
C ARG A 396 -21.09 6.61 23.30
N ALA A 397 -20.07 5.78 23.56
CA ALA A 397 -18.69 6.20 23.36
C ALA A 397 -18.41 6.49 21.89
N LEU A 398 -18.85 5.59 21.01
CA LEU A 398 -18.61 5.73 19.57
C LEU A 398 -19.19 7.01 18.98
N GLU A 399 -20.33 7.45 19.52
CA GLU A 399 -20.98 8.67 19.06
C GLU A 399 -20.10 9.88 19.35
N ARG A 400 -19.40 9.84 20.49
CA ARG A 400 -18.49 10.91 20.86
C ARG A 400 -17.23 10.91 20.02
N GLY A 401 -17.05 9.86 19.22
CA GLY A 401 -15.87 9.71 18.39
C GLY A 401 -14.75 9.05 19.15
N TYR A 402 -15.11 8.15 20.05
CA TYR A 402 -14.13 7.47 20.90
C TYR A 402 -13.56 6.21 20.24
N ARG A 403 -12.28 5.97 20.47
CA ARG A 403 -11.60 4.77 19.98
C ARG A 403 -10.78 4.15 21.11
N MET A 404 -10.49 2.87 20.99
CA MET A 404 -9.59 2.21 21.94
C MET A 404 -8.19 2.80 21.83
N PRO A 405 -7.54 3.04 22.97
CA PRO A 405 -6.18 3.58 22.98
C PRO A 405 -5.17 2.54 22.51
N ARG A 406 -3.99 3.00 22.08
CA ARG A 406 -2.95 2.11 21.63
C ARG A 406 -2.31 1.37 22.81
N PRO A 407 -2.34 0.03 22.77
CA PRO A 407 -1.72 -0.80 23.82
C PRO A 407 -0.20 -0.59 23.87
N GLU A 408 0.42 -1.06 24.94
CA GLU A 408 1.86 -0.86 25.14
C GLU A 408 2.72 -1.54 24.08
N ASN A 409 2.39 -2.78 23.74
CA ASN A 409 3.21 -3.56 22.82
C ASN A 409 2.88 -3.33 21.34
N CYS A 410 1.84 -2.55 21.08
CA CYS A 410 1.38 -2.32 19.72
C CYS A 410 2.18 -1.24 19.00
N PRO A 411 2.69 -1.55 17.80
CA PRO A 411 3.42 -0.57 17.00
C PRO A 411 2.50 0.56 16.57
N GLU A 412 3.05 1.76 16.44
CA GLU A 412 2.28 2.92 16.04
C GLU A 412 1.66 2.71 14.67
N GLU A 413 2.43 2.10 13.78
CA GLU A 413 2.03 1.93 12.39
C GLU A 413 0.93 0.91 12.21
N LEU A 414 0.83 -0.02 13.16
CA LEU A 414 -0.25 -1.00 13.15
C LEU A 414 -1.50 -0.39 13.76
N TYR A 415 -1.31 0.42 14.79
CA TYR A 415 -2.42 1.13 15.42
C TYR A 415 -3.06 2.08 14.42
N ASN A 416 -2.25 2.63 13.52
CA ASN A 416 -2.75 3.51 12.48
C ASN A 416 -3.67 2.75 11.53
N ILE A 417 -3.31 1.49 11.26
CA ILE A 417 -4.15 0.61 10.45
C ILE A 417 -5.48 0.37 11.16
N MET A 418 -5.40 0.07 12.45
CA MET A 418 -6.60 -0.12 13.27
C MET A 418 -7.50 1.10 13.17
N MET A 419 -6.92 2.28 13.35
CA MET A 419 -7.66 3.54 13.30
C MET A 419 -8.28 3.80 11.93
N ARG A 420 -7.58 3.41 10.88
CA ARG A 420 -8.09 3.55 9.53
C ARG A 420 -9.28 2.62 9.31
N CYS A 421 -9.28 1.48 10.00
CA CYS A 421 -10.39 0.55 9.93
C CYS A 421 -11.62 1.10 10.66
N TRP A 422 -11.37 1.98 11.63
CA TRP A 422 -12.45 2.49 12.48
C TRP A 422 -12.91 3.89 12.10
N LYS A 423 -12.88 4.22 10.81
CA LYS A 423 -13.38 5.50 10.36
C LYS A 423 -14.90 5.52 10.31
N ASN A 424 -15.49 6.62 10.76
CA ASN A 424 -16.94 6.78 10.80
C ASN A 424 -17.60 6.46 9.46
N ARG A 425 -17.12 7.13 8.41
CA ARG A 425 -17.56 6.82 7.07
C ARG A 425 -16.96 5.49 6.64
N PRO A 426 -17.81 4.53 6.23
CA PRO A 426 -17.32 3.24 5.74
C PRO A 426 -16.60 3.41 4.41
N GLU A 427 -16.86 4.51 3.73
CA GLU A 427 -16.23 4.79 2.43
C GLU A 427 -14.75 5.09 2.56
N GLU A 428 -14.35 5.68 3.69
CA GLU A 428 -12.95 6.03 3.92
C GLU A 428 -12.15 4.90 4.55
N ARG A 429 -12.77 3.73 4.67
CA ARG A 429 -12.10 2.56 5.20
C ARG A 429 -11.38 1.81 4.08
N PRO A 430 -10.16 1.33 4.37
CA PRO A 430 -9.35 0.62 3.37
C PRO A 430 -10.00 -0.69 2.95
N THR A 431 -9.61 -1.21 1.79
CA THR A 431 -10.08 -2.52 1.34
C THR A 431 -9.21 -3.59 1.99
N PHE A 432 -9.67 -4.84 1.91
CA PHE A 432 -8.89 -5.95 2.46
C PHE A 432 -7.68 -6.25 1.59
N GLU A 433 -7.75 -5.83 0.33
CA GLU A 433 -6.64 -5.98 -0.59
C GLU A 433 -5.46 -5.15 -0.10
N TYR A 434 -5.72 -3.88 0.17
CA TYR A 434 -4.70 -2.97 0.68
C TYR A 434 -4.16 -3.44 2.03
N ILE A 435 -5.07 -3.75 2.95
CA ILE A 435 -4.70 -4.22 4.28
C ILE A 435 -3.81 -5.47 4.20
N GLN A 436 -4.19 -6.41 3.35
CA GLN A 436 -3.38 -7.61 3.14
C GLN A 436 -1.99 -7.26 2.66
N SER A 437 -1.91 -6.41 1.63
CA SER A 437 -0.63 -6.01 1.07
C SER A 437 0.27 -5.34 2.11
N VAL A 438 -0.33 -4.50 2.95
CA VAL A 438 0.42 -3.80 3.99
C VAL A 438 0.91 -4.76 5.07
N LEU A 439 0.03 -5.65 5.52
CA LEU A 439 0.37 -6.59 6.58
C LEU A 439 1.43 -7.61 6.17
N ASP A 440 1.33 -8.10 4.94
CA ASP A 440 2.29 -9.09 4.44
C ASP A 440 3.72 -8.54 4.43
N ASP A 441 3.89 -7.32 3.94
CA ASP A 441 5.21 -6.71 3.83
C ASP A 441 5.45 -5.69 4.93
N PHE A 442 4.97 -6.00 6.13
CA PHE A 442 5.03 -5.06 7.24
C PHE A 442 6.45 -4.67 7.62
N TYR A 443 7.36 -5.64 7.64
CA TYR A 443 8.74 -5.40 8.03
C TYR A 443 9.67 -5.26 6.83
N THR A 444 9.09 -5.18 5.63
CA THR A 444 9.88 -5.15 4.42
C THR A 444 9.59 -3.91 3.57
N ALA A 445 10.63 -3.11 3.35
CA ALA A 445 10.54 -1.99 2.42
C ALA A 445 10.34 -2.55 1.01
N THR A 446 9.47 -1.90 0.25
CA THR A 446 9.11 -2.36 -1.10
C THR A 446 10.32 -2.66 -1.95
N GLU A 447 11.33 -1.82 -1.81
CA GLU A 447 12.57 -1.99 -2.56
C GLU A 447 13.35 -3.17 -2.03
N SER A 448 12.91 -3.84 -0.96
CA SER A 448 13.70 -4.95 -0.43
C SER A 448 13.03 -6.32 -0.60
N GLN A 449 11.94 -6.36 -1.35
CA GLN A 449 11.23 -7.60 -1.60
C GLN A 449 12.13 -8.58 -2.35
N GLU A 451 15.89 -9.21 -3.89
CA GLU A 451 17.28 -8.72 -3.92
C GLU A 451 17.77 -8.35 -5.32
N GLU A 452 18.59 -7.31 -5.40
CA GLU A 452 19.17 -6.88 -6.68
C GLU A 452 20.67 -7.18 -6.69
N ILE A 453 21.06 -8.18 -7.48
CA ILE A 453 22.45 -8.62 -7.53
C ILE A 453 23.15 -8.10 -8.79
N PRO A 454 24.46 -7.81 -8.69
CA PRO A 454 25.24 -7.36 -9.85
C PRO A 454 25.50 -8.50 -10.83
N ARG B 8 -9.10 42.46 19.08
CA ARG B 8 -7.82 43.05 18.72
C ARG B 8 -6.77 41.98 18.49
N ILE B 9 -6.51 41.65 17.23
CA ILE B 9 -5.55 40.62 16.87
C ILE B 9 -4.19 41.21 16.53
N ILE B 10 -3.15 40.77 17.24
CA ILE B 10 -1.79 41.23 17.00
C ILE B 10 -0.94 40.10 16.44
N VAL B 11 -0.36 40.32 15.26
CA VAL B 11 0.47 39.30 14.62
C VAL B 11 1.91 39.75 14.48
N VAL B 12 2.80 38.80 14.22
CA VAL B 12 4.22 39.09 14.05
C VAL B 12 4.73 38.51 12.71
N ALA B 13 5.64 39.24 12.07
CA ALA B 13 6.17 38.83 10.78
C ALA B 13 7.24 37.75 10.92
N LEU B 14 7.19 36.76 10.04
CA LEU B 14 8.10 35.62 10.11
C LEU B 14 9.33 35.82 9.24
N TYR B 15 9.18 36.62 8.18
CA TYR B 15 10.29 36.92 7.27
C TYR B 15 10.21 38.36 6.79
N ASP B 16 11.32 38.89 6.28
CA ASP B 16 11.33 40.23 5.71
C ASP B 16 10.48 40.30 4.46
N TYR B 17 9.95 41.48 4.16
CA TYR B 17 9.09 41.67 2.99
C TYR B 17 9.11 43.11 2.50
N GLU B 18 9.31 43.28 1.20
CA GLU B 18 9.32 44.61 0.59
C GLU B 18 8.10 44.78 -0.32
N ALA B 19 7.32 45.83 -0.07
CA ALA B 19 6.11 46.09 -0.83
C ALA B 19 6.42 46.40 -2.29
N ILE B 20 5.58 45.90 -3.19
CA ILE B 20 5.75 46.14 -4.62
C ILE B 20 4.44 46.54 -5.29
N HIS B 21 3.41 46.78 -4.47
CA HIS B 21 2.11 47.20 -5.00
C HIS B 21 1.75 48.61 -4.53
N HIS B 22 0.50 49.01 -4.76
CA HIS B 22 0.04 50.34 -4.38
C HIS B 22 -0.18 50.46 -2.87
N GLU B 23 -1.01 49.56 -2.33
CA GLU B 23 -1.50 49.71 -0.97
C GLU B 23 -0.98 48.63 -0.01
N ASP B 24 0.13 47.98 -0.36
CA ASP B 24 0.69 46.96 0.51
C ASP B 24 1.86 47.49 1.33
N LEU B 25 2.14 46.85 2.46
CA LEU B 25 3.14 47.33 3.40
C LEU B 25 4.47 46.61 3.30
N SER B 26 5.53 47.25 3.75
CA SER B 26 6.84 46.62 3.88
C SER B 26 7.14 46.40 5.35
N PHE B 27 7.73 45.26 5.67
CA PHE B 27 8.07 44.97 7.06
C PHE B 27 9.32 44.10 7.20
N GLN B 28 9.93 44.15 8.38
CA GLN B 28 11.12 43.37 8.67
C GLN B 28 10.75 42.18 9.53
N LYS B 29 11.67 41.24 9.67
CA LYS B 29 11.45 40.07 10.52
C LYS B 29 11.48 40.47 11.99
N GLY B 30 10.37 40.28 12.68
CA GLY B 30 10.26 40.67 14.08
C GLY B 30 9.31 41.82 14.26
N ASP B 31 8.67 42.24 13.18
CA ASP B 31 7.72 43.34 13.22
C ASP B 31 6.33 42.89 13.67
N GLN B 32 5.81 43.53 14.71
CA GLN B 32 4.44 43.27 15.14
C GLN B 32 3.50 44.25 14.47
N MET B 33 2.26 43.81 14.22
CA MET B 33 1.26 44.68 13.62
C MET B 33 -0.16 44.22 13.98
N VAL B 34 -1.14 45.06 13.69
CA VAL B 34 -2.52 44.81 14.10
C VAL B 34 -3.42 44.45 12.92
N VAL B 35 -4.15 43.34 13.04
CA VAL B 35 -5.05 42.90 11.99
C VAL B 35 -6.34 43.70 11.98
N LEU B 36 -6.68 44.26 10.82
CA LEU B 36 -7.88 45.07 10.67
C LEU B 36 -8.93 44.35 9.83
N GLU B 37 -8.46 43.53 8.89
CA GLU B 37 -9.34 42.85 7.96
C GLU B 37 -8.66 41.61 7.38
N GLU B 38 -9.41 40.53 7.24
CA GLU B 38 -8.87 39.28 6.72
C GLU B 38 -9.59 38.86 5.44
N SER B 39 -8.95 39.11 4.30
CA SER B 39 -9.54 38.80 3.00
C SER B 39 -8.77 37.69 2.28
N GLY B 40 -8.50 36.60 3.00
CA GLY B 40 -7.81 35.47 2.42
C GLY B 40 -6.30 35.60 2.41
N GLU B 41 -5.73 35.63 1.20
CA GLU B 41 -4.28 35.70 1.05
C GLU B 41 -3.73 37.06 1.46
N TRP B 42 -4.53 38.11 1.28
CA TRP B 42 -4.12 39.46 1.66
C TRP B 42 -4.95 40.01 2.81
N TRP B 43 -4.26 40.32 3.92
CA TRP B 43 -4.92 40.91 5.08
C TRP B 43 -4.64 42.40 5.14
N LYS B 44 -5.67 43.17 5.48
CA LYS B 44 -5.47 44.59 5.74
C LYS B 44 -5.02 44.77 7.19
N ALA B 45 -3.80 45.25 7.38
CA ALA B 45 -3.23 45.40 8.70
C ALA B 45 -2.60 46.78 8.91
N ARG B 46 -2.22 47.07 10.14
CA ARG B 46 -1.55 48.33 10.48
C ARG B 46 -0.27 48.06 11.25
N SER B 47 0.85 48.50 10.68
CA SER B 47 2.17 48.29 11.30
C SER B 47 2.28 49.02 12.64
N LEU B 48 3.25 48.61 13.45
CA LEU B 48 3.44 49.23 14.76
C LEU B 48 4.74 50.02 14.83
N ALA B 49 5.65 49.73 13.91
CA ALA B 49 6.93 50.44 13.86
C ALA B 49 6.85 51.63 12.90
N THR B 50 5.86 51.63 12.02
CA THR B 50 5.67 52.70 11.06
C THR B 50 4.27 53.29 11.19
N ARG B 51 3.39 52.56 11.87
CA ARG B 51 2.00 52.95 12.08
C ARG B 51 1.25 53.15 10.77
N LYS B 52 1.69 52.46 9.72
CA LYS B 52 1.05 52.55 8.42
C LYS B 52 0.03 51.42 8.22
N GLU B 53 -1.11 51.76 7.65
CA GLU B 53 -2.09 50.75 7.27
C GLU B 53 -1.82 50.30 5.84
N GLY B 54 -2.28 49.11 5.50
CA GLY B 54 -2.06 48.56 4.17
C GLY B 54 -2.36 47.08 4.07
N TYR B 55 -1.79 46.43 3.06
CA TYR B 55 -2.03 45.00 2.84
C TYR B 55 -0.76 44.17 3.03
N ILE B 56 -0.94 42.99 3.63
CA ILE B 56 0.17 42.07 3.85
C ILE B 56 -0.22 40.66 3.42
N PRO B 57 0.77 39.86 2.99
CA PRO B 57 0.52 38.45 2.67
C PRO B 57 0.32 37.62 3.94
N SER B 58 -0.80 36.89 4.02
CA SER B 58 -1.15 36.10 5.19
C SER B 58 -0.06 35.12 5.60
N ASN B 59 0.57 34.50 4.61
CA ASN B 59 1.58 33.46 4.84
C ASN B 59 2.93 33.98 5.32
N TYR B 60 2.98 35.26 5.70
CA TYR B 60 4.21 35.86 6.21
C TYR B 60 4.10 36.20 7.68
N VAL B 61 2.88 36.20 8.20
CA VAL B 61 2.63 36.59 9.58
C VAL B 61 1.93 35.48 10.37
N ALA B 62 2.18 35.47 11.68
CA ALA B 62 1.52 34.51 12.57
C ALA B 62 1.27 35.17 13.93
N ARG B 63 0.21 34.75 14.61
CA ARG B 63 -0.17 35.32 15.89
C ARG B 63 0.96 35.22 16.92
N VAL B 64 1.14 36.29 17.70
CA VAL B 64 2.28 36.41 18.60
C VAL B 64 2.41 35.27 19.59
N ASP B 65 3.60 34.67 19.62
CA ASP B 65 3.94 33.57 20.51
C ASP B 65 3.04 32.34 20.39
N SER B 66 2.42 32.16 19.23
CA SER B 66 1.80 30.90 18.89
C SER B 66 2.93 30.04 18.33
N LEU B 67 2.67 28.75 18.13
CA LEU B 67 3.70 27.82 17.69
C LEU B 67 4.40 28.22 16.39
N GLU B 68 3.65 28.83 15.49
CA GLU B 68 4.16 29.18 14.17
C GLU B 68 5.31 30.18 14.22
N THR B 69 5.38 30.95 15.31
CA THR B 69 6.44 31.94 15.47
C THR B 69 7.78 31.27 15.75
N GLU B 70 7.72 30.06 16.30
CA GLU B 70 8.94 29.32 16.61
C GLU B 70 9.66 28.92 15.33
N GLU B 71 10.98 28.82 15.40
CA GLU B 71 11.81 28.53 14.23
C GLU B 71 11.88 27.03 13.95
N TRP B 72 11.46 26.23 14.92
CA TRP B 72 11.49 24.78 14.77
C TRP B 72 10.13 24.17 14.44
N PHE B 73 9.09 25.00 14.44
CA PHE B 73 7.75 24.51 14.12
C PHE B 73 7.40 24.72 12.65
N PHE B 74 6.72 23.75 12.07
CA PHE B 74 6.32 23.80 10.67
C PHE B 74 4.87 23.34 10.50
N LYS B 75 3.98 24.29 10.20
CA LYS B 75 2.56 23.99 10.08
C LYS B 75 2.21 23.42 8.70
N GLY B 76 1.29 22.46 8.70
CA GLY B 76 0.81 21.87 7.46
C GLY B 76 1.87 21.12 6.68
N ILE B 77 2.73 20.40 7.41
CA ILE B 77 3.81 19.65 6.78
C ILE B 77 3.66 18.15 6.99
N SER B 78 3.52 17.42 5.89
CA SER B 78 3.42 15.97 5.96
C SER B 78 4.75 15.35 6.32
N ARG B 79 4.73 14.06 6.66
CA ARG B 79 5.94 13.34 7.01
C ARG B 79 6.91 13.28 5.84
N LYS B 80 6.37 13.08 4.65
CA LYS B 80 7.20 12.96 3.46
C LYS B 80 7.83 14.30 3.07
N ASP B 81 7.06 15.38 3.18
CA ASP B 81 7.58 16.70 2.86
C ASP B 81 8.61 17.15 3.89
N ALA B 82 8.41 16.72 5.14
CA ALA B 82 9.37 16.99 6.20
C ALA B 82 10.66 16.25 5.88
N GLU B 83 10.53 15.02 5.40
CA GLU B 83 11.66 14.21 4.99
C GLU B 83 12.40 14.90 3.84
N ARG B 84 11.65 15.49 2.91
CA ARG B 84 12.24 16.16 1.76
C ARG B 84 12.98 17.44 2.15
N GLN B 85 12.40 18.20 3.08
CA GLN B 85 12.99 19.48 3.48
C GLN B 85 14.16 19.32 4.45
N LEU B 86 14.15 18.25 5.23
CA LEU B 86 15.25 17.99 6.15
C LEU B 86 16.49 17.49 5.41
N LEU B 87 16.27 16.87 4.26
CA LEU B 87 17.38 16.40 3.43
C LEU B 87 17.73 17.40 2.34
N ALA B 88 17.09 18.58 2.40
CA ALA B 88 17.36 19.66 1.46
C ALA B 88 18.74 20.25 1.74
N PRO B 89 19.32 20.94 0.74
CA PRO B 89 20.62 21.61 0.94
C PRO B 89 20.61 22.58 2.10
N GLY B 90 21.71 22.64 2.84
CA GLY B 90 21.83 23.54 3.96
C GLY B 90 21.84 22.84 5.30
N ASN B 91 20.85 21.97 5.51
CA ASN B 91 20.71 21.25 6.78
C ASN B 91 21.86 20.27 7.03
N MET B 92 21.98 19.83 8.27
CA MET B 92 23.07 18.93 8.67
C MET B 92 22.56 17.84 9.61
N LEU B 93 23.50 17.10 10.20
CA LEU B 93 23.16 16.04 11.15
C LEU B 93 22.55 16.66 12.41
N GLY B 94 21.36 16.20 12.76
CA GLY B 94 20.66 16.70 13.93
C GLY B 94 19.62 17.75 13.58
N SER B 95 19.53 18.09 12.30
CA SER B 95 18.52 19.03 11.83
C SER B 95 17.12 18.48 12.11
N PHE B 96 16.35 19.21 12.90
CA PHE B 96 15.05 18.73 13.36
C PHE B 96 13.93 19.70 13.07
N MET B 97 12.70 19.22 13.23
CA MET B 97 11.52 20.07 13.13
C MET B 97 10.34 19.43 13.85
N ILE B 98 9.50 20.26 14.47
CA ILE B 98 8.26 19.78 15.05
C ILE B 98 7.11 20.21 14.15
N ARG B 99 6.21 19.29 13.86
CA ARG B 99 5.17 19.54 12.87
C ARG B 99 3.82 18.96 13.29
N ASP B 100 2.77 19.35 12.58
CA ASP B 100 1.45 18.76 12.77
C ASP B 100 1.51 17.30 12.38
N SER B 101 1.01 16.43 13.26
CA SER B 101 0.98 15.01 12.98
C SER B 101 0.03 14.74 11.81
N GLU B 102 0.47 13.91 10.87
CA GLU B 102 -0.31 13.64 9.67
C GLU B 102 -1.36 12.57 9.93
N THR B 103 -1.09 11.67 10.86
CA THR B 103 -2.01 10.59 11.18
C THR B 103 -2.81 10.88 12.45
N THR B 104 -2.13 11.39 13.47
CA THR B 104 -2.80 11.75 14.72
C THR B 104 -3.22 13.22 14.69
N LYS B 105 -4.38 13.48 14.09
CA LYS B 105 -4.88 14.84 13.92
C LYS B 105 -5.07 15.55 15.26
N GLY B 106 -4.36 16.66 15.44
CA GLY B 106 -4.44 17.44 16.66
C GLY B 106 -3.19 17.32 17.51
N SER B 107 -2.32 16.38 17.14
CA SER B 107 -1.08 16.17 17.88
C SER B 107 0.14 16.55 17.05
N TYR B 108 1.32 16.43 17.64
CA TYR B 108 2.55 16.85 16.96
C TYR B 108 3.52 15.69 16.76
N SER B 109 4.49 15.91 15.87
CA SER B 109 5.52 14.90 15.59
C SER B 109 6.88 15.55 15.41
N LEU B 110 7.93 14.82 15.83
CA LEU B 110 9.29 15.31 15.73
C LEU B 110 10.08 14.57 14.64
N SER B 111 10.58 15.32 13.67
CA SER B 111 11.38 14.74 12.61
C SER B 111 12.84 15.17 12.75
N VAL B 112 13.74 14.21 12.91
CA VAL B 112 15.16 14.49 13.11
C VAL B 112 16.00 13.90 11.99
N ARG B 113 17.12 14.55 11.67
CA ARG B 113 18.03 14.03 10.66
C ARG B 113 19.14 13.20 11.30
N ASP B 114 19.37 12.01 10.76
CA ASP B 114 20.35 11.08 11.31
C ASP B 114 21.21 10.50 10.19
N TYR B 115 22.26 9.78 10.55
CA TYR B 115 23.08 9.09 9.57
C TYR B 115 23.11 7.58 9.84
N ASP B 116 23.05 6.80 8.77
CA ASP B 116 23.02 5.34 8.88
C ASP B 116 24.20 4.74 8.11
N PRO B 117 24.71 3.60 8.60
CA PRO B 117 25.81 2.90 7.92
C PRO B 117 25.48 2.51 6.48
N ARG B 118 24.42 1.73 6.30
CA ARG B 118 24.02 1.29 4.96
C ARG B 118 22.73 1.94 4.48
N GLN B 119 22.68 3.27 4.52
CA GLN B 119 21.50 3.99 4.06
C GLN B 119 21.81 5.47 3.81
N GLY B 120 22.88 5.96 4.43
CA GLY B 120 23.28 7.35 4.28
C GLY B 120 22.48 8.28 5.15
N ASP B 121 22.27 9.50 4.67
CA ASP B 121 21.46 10.48 5.39
C ASP B 121 20.00 10.04 5.45
N THR B 122 19.41 10.12 6.65
CA THR B 122 18.04 9.66 6.86
C THR B 122 17.26 10.64 7.72
N VAL B 123 15.94 10.45 7.78
CA VAL B 123 15.08 11.25 8.62
C VAL B 123 14.19 10.35 9.48
N LYS B 124 14.44 10.36 10.79
CA LYS B 124 13.65 9.57 11.73
C LYS B 124 12.47 10.37 12.24
N HIS B 125 11.38 9.69 12.56
CA HIS B 125 10.17 10.35 13.03
C HIS B 125 9.70 9.83 14.38
N TYR B 126 9.21 10.73 15.23
CA TYR B 126 8.75 10.36 16.56
C TYR B 126 7.39 10.98 16.84
N LYS B 127 6.52 10.20 17.47
CA LYS B 127 5.19 10.67 17.85
C LYS B 127 5.27 11.46 19.14
N ILE B 128 4.70 12.66 19.12
CA ILE B 128 4.59 13.44 20.35
C ILE B 128 3.17 13.28 20.92
N ARG B 129 3.08 12.52 22.01
CA ARG B 129 1.81 12.32 22.69
C ARG B 129 1.46 13.61 23.40
N THR B 130 0.18 13.99 23.36
CA THR B 130 -0.28 15.17 24.08
C THR B 130 -0.17 14.92 25.59
N LEU B 131 -1.31 14.89 26.27
CA LEU B 131 -1.42 14.46 27.67
C LEU B 131 -2.82 14.72 28.20
N ASP B 132 -2.88 15.27 29.41
CA ASP B 132 -4.12 15.66 30.05
C ASP B 132 -3.94 17.05 30.64
N ASN B 133 -3.59 18.00 29.78
CA ASN B 133 -3.29 19.37 30.17
C ASN B 133 -2.12 19.47 31.15
N GLY B 134 -1.16 18.57 30.98
CA GLY B 134 0.02 18.56 31.83
C GLY B 134 1.29 18.82 31.05
N GLY B 135 1.23 18.58 29.75
CA GLY B 135 2.37 18.83 28.87
C GLY B 135 2.47 17.89 27.69
N PHE B 136 3.70 17.55 27.31
CA PHE B 136 3.95 16.68 26.17
C PHE B 136 5.11 15.74 26.47
N TYR B 137 5.15 14.60 25.77
CA TYR B 137 6.26 13.66 25.92
C TYR B 137 6.46 12.79 24.68
N ILE B 138 7.68 12.28 24.54
CA ILE B 138 7.97 11.27 23.53
C ILE B 138 8.21 9.96 24.25
N SER B 139 8.95 10.05 25.35
CA SER B 139 9.15 8.92 26.25
C SER B 139 8.41 9.18 27.56
N PRO B 140 7.65 8.18 28.03
CA PRO B 140 6.89 8.27 29.29
C PRO B 140 7.77 8.59 30.49
N ARG B 141 9.07 8.33 30.39
CA ARG B 141 10.01 8.63 31.46
C ARG B 141 10.26 10.15 31.58
N SER B 142 10.21 10.85 30.45
CA SER B 142 10.51 12.28 30.44
C SER B 142 9.34 13.09 29.87
N THR B 143 8.72 13.89 30.72
CA THR B 143 7.60 14.72 30.32
C THR B 143 7.96 16.20 30.41
N PHE B 144 7.32 17.03 29.60
CA PHE B 144 7.68 18.44 29.51
C PHE B 144 6.46 19.36 29.46
N SER B 145 6.57 20.52 30.10
CA SER B 145 5.46 21.47 30.17
C SER B 145 5.17 22.12 28.82
N THR B 146 6.22 22.40 28.05
CA THR B 146 6.07 23.00 26.72
C THR B 146 6.91 22.27 25.68
N LEU B 147 6.64 22.56 24.41
CA LEU B 147 7.39 21.96 23.32
C LEU B 147 8.82 22.49 23.28
N GLN B 148 8.96 23.77 23.63
CA GLN B 148 10.28 24.40 23.68
C GLN B 148 11.15 23.74 24.75
N GLU B 149 10.50 23.35 25.85
CA GLU B 149 11.18 22.65 26.94
C GLU B 149 11.68 21.30 26.44
N LEU B 150 10.84 20.61 25.69
CA LEU B 150 11.19 19.32 25.09
C LEU B 150 12.39 19.46 24.15
N VAL B 151 12.32 20.45 23.27
CA VAL B 151 13.41 20.72 22.33
C VAL B 151 14.71 21.01 23.07
N ASP B 152 14.65 21.90 24.06
CA ASP B 152 15.81 22.25 24.87
C ASP B 152 16.43 21.03 25.52
N HIS B 153 15.57 20.15 26.05
CA HIS B 153 16.05 18.93 26.67
C HIS B 153 16.77 18.04 25.67
N TYR B 154 16.16 17.85 24.50
CA TYR B 154 16.72 16.96 23.50
C TYR B 154 17.85 17.59 22.70
N LYS B 155 18.20 18.83 23.03
CA LYS B 155 19.39 19.45 22.46
C LYS B 155 20.60 19.21 23.37
N LYS B 156 20.33 18.82 24.61
CA LYS B 156 21.39 18.53 25.57
C LYS B 156 21.85 17.07 25.49
N GLY B 157 21.36 16.36 24.48
CA GLY B 157 21.69 14.96 24.31
C GLY B 157 20.47 14.16 23.88
N ASN B 158 20.72 13.03 23.22
CA ASN B 158 19.62 12.19 22.73
C ASN B 158 19.14 11.19 23.76
N ASP B 159 18.15 11.60 24.54
CA ASP B 159 17.57 10.73 25.57
C ASP B 159 16.64 9.69 24.93
N GLY B 160 17.19 8.86 24.06
CA GLY B 160 16.43 7.82 23.40
C GLY B 160 16.35 7.97 21.89
N LEU B 161 16.70 9.14 21.39
CA LEU B 161 16.63 9.42 19.95
C LEU B 161 17.82 8.84 19.19
N CYS B 162 17.66 8.68 17.88
CA CYS B 162 18.73 8.18 17.03
C CYS B 162 19.80 9.25 16.81
N GLN B 163 19.44 10.50 17.09
CA GLN B 163 20.36 11.62 16.96
C GLN B 163 19.84 12.82 17.76
N LYS B 164 20.71 13.42 18.57
CA LYS B 164 20.31 14.56 19.39
C LYS B 164 20.04 15.79 18.52
N LEU B 165 19.20 16.67 19.02
CA LEU B 165 18.79 17.85 18.25
C LEU B 165 19.89 18.90 18.22
N SER B 166 20.23 19.36 17.01
CA SER B 166 21.25 20.37 16.84
C SER B 166 20.63 21.72 16.47
N VAL B 167 20.25 21.86 15.20
CA VAL B 167 19.74 23.13 14.68
C VAL B 167 18.46 22.92 13.87
N PRO B 168 17.46 23.79 14.08
CA PRO B 168 16.19 23.76 13.35
C PRO B 168 16.36 23.70 11.84
N CYS B 169 15.39 23.14 11.14
CA CYS B 169 15.46 22.99 9.69
C CYS B 169 15.54 24.34 8.99
N MET B 170 16.29 24.39 7.90
CA MET B 170 16.47 25.62 7.13
C MET B 170 15.15 26.16 6.61
N SER B 171 14.80 27.37 7.03
CA SER B 171 13.54 27.98 6.64
C SER B 171 13.64 28.65 5.27
N SER B 172 12.76 28.24 4.36
CA SER B 172 12.70 28.84 3.03
C SER B 172 11.61 29.90 2.97
N LYS B 173 11.95 31.07 2.47
CA LYS B 173 10.99 32.17 2.35
C LYS B 173 9.89 31.82 1.34
N PRO B 174 8.62 31.82 1.81
CA PRO B 174 7.45 31.44 1.02
C PRO B 174 7.29 32.30 -0.23
N GLN B 175 6.67 31.73 -1.26
CA GLN B 175 6.45 32.46 -2.50
C GLN B 175 5.39 33.53 -2.26
N LYS B 176 5.64 34.72 -2.81
CA LYS B 176 4.69 35.83 -2.72
C LYS B 176 3.35 35.45 -3.34
N PRO B 177 2.25 35.83 -2.69
CA PRO B 177 0.92 35.58 -3.25
C PRO B 177 0.61 36.56 -4.37
N TRP B 178 -0.29 36.18 -5.26
CA TRP B 178 -0.63 37.00 -6.41
C TRP B 178 -1.31 38.31 -5.96
N GLU B 179 -1.29 39.31 -6.84
CA GLU B 179 -1.91 40.60 -6.58
C GLU B 179 -3.37 40.45 -6.15
N LYS B 180 -3.80 41.27 -5.20
CA LYS B 180 -5.15 41.17 -4.65
C LYS B 180 -6.22 41.36 -5.72
N ASP B 181 -7.04 40.33 -5.89
CA ASP B 181 -8.13 40.32 -6.87
C ASP B 181 -7.66 40.74 -8.26
N ALA B 182 -6.86 39.89 -8.88
CA ALA B 182 -6.32 40.17 -10.21
C ALA B 182 -6.29 38.91 -11.06
N TRP B 183 -7.45 38.28 -11.21
CA TRP B 183 -7.56 37.06 -12.03
C TRP B 183 -7.60 37.40 -13.51
N GLU B 184 -8.35 38.44 -13.86
CA GLU B 184 -8.38 38.93 -15.23
C GLU B 184 -7.58 40.22 -15.35
N ILE B 185 -6.37 40.10 -15.89
CA ILE B 185 -5.49 41.26 -16.05
C ILE B 185 -5.50 41.76 -17.48
N PRO B 186 -5.28 43.08 -17.67
CA PRO B 186 -5.13 43.59 -19.03
C PRO B 186 -3.77 43.18 -19.58
N ARG B 187 -3.69 43.03 -20.90
CA ARG B 187 -2.45 42.59 -21.55
C ARG B 187 -1.32 43.59 -21.27
N GLU B 188 -1.69 44.85 -21.09
CA GLU B 188 -0.73 45.94 -20.88
C GLU B 188 0.16 45.73 -19.66
N SER B 189 -0.30 44.92 -18.71
CA SER B 189 0.45 44.65 -17.49
C SER B 189 1.65 43.74 -17.74
N LEU B 190 1.66 43.10 -18.90
CA LEU B 190 2.69 42.11 -19.20
C LEU B 190 3.77 42.64 -20.15
N LYS B 191 5.00 42.19 -19.92
CA LYS B 191 6.10 42.43 -20.85
C LYS B 191 6.83 41.12 -21.08
N LEU B 192 6.40 40.38 -22.10
CA LEU B 192 6.98 39.07 -22.40
C LEU B 192 8.41 39.23 -22.88
N GLU B 193 9.36 38.95 -21.99
CA GLU B 193 10.76 39.28 -22.24
C GLU B 193 11.55 38.23 -23.01
N LYS B 194 11.14 36.97 -22.96
CA LYS B 194 11.94 35.91 -23.58
C LYS B 194 11.12 34.70 -24.03
N LYS B 195 11.22 34.37 -25.30
CA LYS B 195 10.55 33.17 -25.81
C LYS B 195 11.23 31.91 -25.29
N LEU B 196 10.52 31.16 -24.46
CA LEU B 196 11.07 29.94 -23.88
C LEU B 196 10.88 28.75 -24.81
N GLY B 197 9.80 28.75 -25.57
CA GLY B 197 9.52 27.66 -26.49
C GLY B 197 8.25 27.84 -27.30
N ALA B 198 8.22 27.22 -28.48
CA ALA B 198 7.08 27.33 -29.38
C ALA B 198 6.47 25.95 -29.65
N GLY B 199 5.21 25.94 -30.08
CA GLY B 199 4.52 24.70 -30.37
C GLY B 199 3.40 24.88 -31.38
N GLN B 200 2.66 23.80 -31.61
CA GLN B 200 1.58 23.80 -32.59
C GLN B 200 0.43 24.71 -32.16
N PHE B 201 0.14 24.73 -30.87
CA PHE B 201 -1.01 25.48 -30.36
C PHE B 201 -0.66 26.82 -29.74
N GLY B 202 0.63 27.07 -29.53
CA GLY B 202 1.06 28.34 -28.96
C GLY B 202 2.51 28.42 -28.54
N GLU B 203 2.83 29.41 -27.73
CA GLU B 203 4.19 29.64 -27.26
C GLU B 203 4.25 29.80 -25.74
N VAL B 204 5.45 29.71 -25.19
CA VAL B 204 5.65 29.93 -23.76
C VAL B 204 6.78 30.94 -23.56
N TRP B 205 6.52 31.94 -22.72
CA TRP B 205 7.46 33.03 -22.52
C TRP B 205 7.82 33.26 -21.05
N MET B 206 9.06 33.67 -20.82
CA MET B 206 9.45 34.26 -19.55
C MET B 206 9.05 35.74 -19.61
N ALA B 207 8.25 36.17 -18.65
CA ALA B 207 7.67 37.51 -18.71
C ALA B 207 7.71 38.24 -17.37
N THR B 208 7.26 39.50 -17.38
CA THR B 208 7.22 40.31 -16.17
C THR B 208 5.85 40.96 -15.99
N TYR B 209 5.26 40.74 -14.82
CA TYR B 209 3.97 41.34 -14.49
C TYR B 209 4.15 42.63 -13.68
N ASN B 210 3.52 43.70 -14.16
CA ASN B 210 3.59 45.03 -13.55
C ASN B 210 4.96 45.45 -13.01
N LYS B 211 5.99 45.26 -13.83
CA LYS B 211 7.36 45.70 -13.55
C LYS B 211 7.93 45.16 -12.22
N HIS B 212 7.27 44.16 -11.63
CA HIS B 212 7.70 43.69 -10.32
C HIS B 212 7.75 42.17 -10.12
N THR B 213 6.97 41.42 -10.88
CA THR B 213 6.91 39.97 -10.65
C THR B 213 7.26 39.12 -11.87
N LYS B 214 8.31 38.31 -11.72
CA LYS B 214 8.71 37.38 -12.78
C LYS B 214 7.67 36.27 -12.92
N VAL B 215 7.18 36.06 -14.14
CA VAL B 215 6.15 35.06 -14.40
C VAL B 215 6.40 34.31 -15.70
N ALA B 216 5.51 33.37 -16.02
CA ALA B 216 5.57 32.64 -17.28
C ALA B 216 4.22 32.72 -17.99
N VAL B 217 4.25 32.97 -19.30
CA VAL B 217 3.01 33.15 -20.05
C VAL B 217 2.87 32.17 -21.20
N LYS B 218 1.79 31.39 -21.18
CA LYS B 218 1.47 30.53 -22.30
C LYS B 218 0.51 31.27 -23.23
N THR B 219 1.03 31.70 -24.38
CA THR B 219 0.24 32.41 -25.37
C THR B 219 -0.40 31.42 -26.34
N MET B 220 -1.73 31.37 -26.35
CA MET B 220 -2.44 30.37 -27.15
C MET B 220 -2.93 30.94 -28.48
N LYS B 221 -2.64 30.21 -29.56
CA LYS B 221 -3.07 30.61 -30.90
C LYS B 221 -4.58 30.48 -31.07
N PRO B 222 -5.20 31.51 -31.67
CA PRO B 222 -6.66 31.61 -31.82
C PRO B 222 -7.23 30.55 -32.75
N GLY B 223 -8.51 30.26 -32.60
CA GLY B 223 -9.19 29.28 -33.42
C GLY B 223 -10.55 28.92 -32.87
N SER B 224 -10.85 27.62 -32.81
CA SER B 224 -12.11 27.15 -32.26
C SER B 224 -11.93 26.71 -30.81
N MET B 225 -10.99 27.35 -30.12
CA MET B 225 -10.77 27.08 -28.70
C MET B 225 -11.96 27.53 -27.86
N SER B 226 -12.81 28.37 -28.46
CA SER B 226 -14.03 28.85 -27.83
C SER B 226 -13.77 29.62 -26.54
N VAL B 227 -13.69 30.94 -26.67
CA VAL B 227 -13.35 31.82 -25.55
C VAL B 227 -14.21 31.61 -24.30
N GLU B 228 -15.52 31.56 -24.49
CA GLU B 228 -16.44 31.35 -23.37
C GLU B 228 -16.21 29.99 -22.72
N ALA B 229 -16.07 28.96 -23.56
CA ALA B 229 -15.82 27.60 -23.09
C ALA B 229 -14.50 27.52 -22.34
N PHE B 230 -13.49 28.24 -22.81
CA PHE B 230 -12.20 28.24 -22.15
C PHE B 230 -12.26 28.98 -20.82
N LEU B 231 -13.11 30.01 -20.76
CA LEU B 231 -13.35 30.74 -19.52
C LEU B 231 -13.95 29.79 -18.49
N ALA B 232 -15.03 29.12 -18.88
CA ALA B 232 -15.71 28.17 -18.01
C ALA B 232 -14.78 27.03 -17.59
N GLU B 233 -13.87 26.67 -18.48
CA GLU B 233 -12.93 25.58 -18.22
C GLU B 233 -11.80 26.03 -17.29
N ALA B 234 -11.48 27.32 -17.33
CA ALA B 234 -10.38 27.86 -16.54
C ALA B 234 -10.81 28.20 -15.10
N ASN B 235 -12.06 28.63 -14.95
CA ASN B 235 -12.60 28.93 -13.62
C ASN B 235 -12.59 27.71 -12.71
N VAL B 236 -12.43 26.53 -13.30
CA VAL B 236 -12.22 25.30 -12.54
C VAL B 236 -10.74 25.19 -12.16
N MET B 237 -9.87 25.45 -13.13
CA MET B 237 -8.43 25.34 -12.93
C MET B 237 -7.92 26.27 -11.83
N LYS B 238 -8.62 27.40 -11.64
CA LYS B 238 -8.25 28.34 -10.59
C LYS B 238 -8.36 27.67 -9.22
N THR B 239 -9.32 26.76 -9.08
CA THR B 239 -9.59 26.13 -7.79
C THR B 239 -8.86 24.81 -7.61
N LEU B 240 -8.04 24.43 -8.58
CA LEU B 240 -7.24 23.21 -8.46
C LEU B 240 -5.85 23.53 -7.90
N GLN B 241 -5.83 24.23 -6.78
CA GLN B 241 -4.57 24.62 -6.15
C GLN B 241 -3.99 23.52 -5.29
N HIS B 242 -2.80 23.06 -5.66
CA HIS B 242 -2.07 22.04 -4.92
C HIS B 242 -0.58 22.32 -5.08
N ASP B 243 0.21 21.91 -4.11
CA ASP B 243 1.64 22.18 -4.14
C ASP B 243 2.36 21.44 -5.27
N LYS B 244 1.68 20.47 -5.87
CA LYS B 244 2.27 19.68 -6.94
C LYS B 244 1.67 20.02 -8.30
N LEU B 245 0.84 21.06 -8.34
CA LEU B 245 0.38 21.62 -9.60
C LEU B 245 0.90 23.05 -9.72
N VAL B 246 1.35 23.43 -10.92
CA VAL B 246 1.81 24.79 -11.15
C VAL B 246 0.67 25.78 -10.93
N LYS B 247 0.95 26.85 -10.20
CA LYS B 247 -0.05 27.85 -9.87
C LYS B 247 -0.54 28.64 -11.08
N LEU B 248 -1.84 28.90 -11.12
CA LEU B 248 -2.43 29.78 -12.12
C LEU B 248 -2.61 31.18 -11.53
N HIS B 249 -1.73 32.09 -11.90
CA HIS B 249 -1.78 33.46 -11.39
C HIS B 249 -2.87 34.30 -12.05
N ALA B 250 -2.88 34.32 -13.38
CA ALA B 250 -3.81 35.19 -14.11
C ALA B 250 -4.18 34.70 -15.51
N VAL B 251 -5.07 35.44 -16.15
CA VAL B 251 -5.58 35.10 -17.48
C VAL B 251 -5.98 36.36 -18.25
N VAL B 252 -5.64 36.41 -19.53
CA VAL B 252 -6.09 37.50 -20.41
C VAL B 252 -7.27 37.04 -21.26
N THR B 253 -8.40 37.71 -21.11
CA THR B 253 -9.65 37.30 -21.76
C THR B 253 -9.67 37.49 -23.27
N LYS B 254 -9.18 38.64 -23.74
CA LYS B 254 -9.21 38.96 -25.16
C LYS B 254 -8.29 38.03 -25.98
N GLU B 255 -8.82 37.52 -27.08
CA GLU B 255 -8.06 36.67 -27.99
C GLU B 255 -6.91 37.46 -28.60
N PRO B 256 -5.72 36.85 -28.69
CA PRO B 256 -5.39 35.48 -28.27
C PRO B 256 -5.25 35.34 -26.75
N ILE B 257 -5.67 34.20 -26.22
CA ILE B 257 -5.69 33.97 -24.78
C ILE B 257 -4.30 33.81 -24.20
N TYR B 258 -4.05 34.48 -23.09
CA TYR B 258 -2.79 34.33 -22.36
C TYR B 258 -3.02 33.61 -21.03
N ILE B 259 -2.09 32.73 -20.67
CA ILE B 259 -2.15 32.02 -19.39
C ILE B 259 -0.93 32.37 -18.55
N ILE B 260 -1.17 33.04 -17.42
CA ILE B 260 -0.06 33.47 -16.56
C ILE B 260 0.13 32.53 -15.39
N THR B 261 1.33 31.97 -15.27
CA THR B 261 1.64 31.01 -14.22
C THR B 261 2.96 31.35 -13.53
N GLU B 262 3.22 30.66 -12.42
CA GLU B 262 4.49 30.78 -11.71
C GLU B 262 5.63 30.34 -12.64
N PHE B 263 6.82 30.90 -12.43
CA PHE B 263 7.96 30.56 -13.26
C PHE B 263 8.79 29.43 -12.65
N MET B 264 8.83 28.30 -13.34
CA MET B 264 9.62 27.16 -12.90
C MET B 264 11.04 27.25 -13.48
N ALA B 265 12.00 27.48 -12.61
CA ALA B 265 13.37 27.83 -13.02
C ALA B 265 14.05 26.83 -13.94
N LYS B 266 13.78 25.54 -13.73
CA LYS B 266 14.50 24.50 -14.48
C LYS B 266 13.69 23.85 -15.59
N GLY B 267 12.58 24.49 -15.97
CA GLY B 267 11.79 24.05 -17.12
C GLY B 267 11.17 22.67 -16.96
N SER B 268 11.07 21.96 -18.08
CA SER B 268 10.40 20.66 -18.10
C SER B 268 11.25 19.55 -17.49
N LEU B 269 10.58 18.52 -16.98
CA LEU B 269 11.26 17.38 -16.39
C LEU B 269 12.08 16.63 -17.44
N LEU B 270 11.54 16.56 -18.65
CA LEU B 270 12.21 15.88 -19.75
C LEU B 270 13.58 16.50 -20.02
N ASP B 271 13.60 17.81 -20.21
CA ASP B 271 14.84 18.52 -20.51
C ASP B 271 15.80 18.54 -19.32
N PHE B 272 15.26 18.52 -18.11
CA PHE B 272 16.11 18.46 -16.92
C PHE B 272 16.80 17.12 -16.82
N LEU B 273 16.06 16.05 -17.08
CA LEU B 273 16.63 14.70 -17.06
C LEU B 273 17.64 14.52 -18.18
N LYS B 274 17.36 15.12 -19.34
CA LYS B 274 18.28 15.07 -20.46
C LYS B 274 19.54 15.90 -20.20
N SER B 275 19.42 16.88 -19.30
CA SER B 275 20.51 17.80 -19.05
C SER B 275 21.66 17.17 -18.27
N ASP B 276 22.67 17.97 -17.96
CA ASP B 276 23.85 17.51 -17.26
C ASP B 276 23.58 17.27 -15.77
N GLU B 277 22.98 18.25 -15.12
CA GLU B 277 22.68 18.16 -13.69
C GLU B 277 21.69 17.03 -13.43
N GLY B 278 20.73 16.87 -14.33
CA GLY B 278 19.74 15.83 -14.22
C GLY B 278 20.23 14.49 -14.73
N SER B 279 21.55 14.35 -14.83
CA SER B 279 22.16 13.09 -15.20
C SER B 279 22.97 12.57 -14.01
N LYS B 280 23.11 13.41 -12.99
CA LYS B 280 23.84 13.06 -11.79
C LYS B 280 22.88 12.72 -10.65
N GLN B 281 21.58 12.83 -10.93
CA GLN B 281 20.56 12.52 -9.95
C GLN B 281 20.42 11.01 -9.78
N PRO B 282 20.74 10.50 -8.58
CA PRO B 282 20.66 9.06 -8.33
C PRO B 282 19.23 8.54 -8.34
N LEU B 283 19.08 7.22 -8.39
CA LEU B 283 17.78 6.55 -8.45
C LEU B 283 16.76 7.00 -7.38
N PRO B 284 17.15 7.10 -6.10
CA PRO B 284 16.18 7.54 -5.09
C PRO B 284 15.56 8.90 -5.38
N LYS B 285 16.35 9.82 -5.94
CA LYS B 285 15.85 11.14 -6.27
C LYS B 285 14.82 11.06 -7.40
N LEU B 286 15.11 10.23 -8.40
CA LEU B 286 14.18 10.01 -9.50
C LEU B 286 12.87 9.46 -8.98
N ILE B 287 12.96 8.47 -8.10
CA ILE B 287 11.80 7.89 -7.45
C ILE B 287 11.01 8.95 -6.67
N ASP B 288 11.73 9.88 -6.04
CA ASP B 288 11.09 10.97 -5.32
C ASP B 288 10.30 11.88 -6.27
N PHE B 289 10.90 12.19 -7.42
CA PHE B 289 10.21 12.96 -8.46
C PHE B 289 8.93 12.25 -8.84
N SER B 290 9.03 10.95 -9.09
CA SER B 290 7.89 10.12 -9.44
C SER B 290 6.82 10.20 -8.37
N ALA B 291 7.25 10.21 -7.12
CA ALA B 291 6.33 10.28 -5.99
C ALA B 291 5.59 11.60 -5.95
N GLN B 292 6.29 12.68 -6.27
CA GLN B 292 5.68 14.02 -6.30
C GLN B 292 4.64 14.11 -7.41
N ILE B 293 4.99 13.63 -8.60
CA ILE B 293 4.06 13.59 -9.71
C ILE B 293 2.84 12.75 -9.36
N ALA B 294 3.07 11.63 -8.70
CA ALA B 294 1.99 10.74 -8.28
C ALA B 294 1.11 11.40 -7.22
N GLU B 295 1.69 12.32 -6.46
CA GLU B 295 0.94 13.05 -5.45
C GLU B 295 0.01 14.05 -6.13
N GLY B 296 0.55 14.78 -7.10
CA GLY B 296 -0.25 15.71 -7.89
C GLY B 296 -1.38 15.00 -8.58
N MET B 297 -1.07 13.88 -9.23
CA MET B 297 -2.08 13.09 -9.91
C MET B 297 -3.11 12.51 -8.93
N ALA B 298 -2.66 12.25 -7.71
CA ALA B 298 -3.57 11.76 -6.67
C ALA B 298 -4.56 12.85 -6.31
N PHE B 299 -4.08 14.09 -6.28
CA PHE B 299 -4.95 15.23 -6.02
C PHE B 299 -5.96 15.40 -7.15
N ILE B 300 -5.49 15.21 -8.39
CA ILE B 300 -6.36 15.33 -9.55
C ILE B 300 -7.44 14.24 -9.53
N GLU B 301 -7.05 13.05 -9.09
CA GLU B 301 -7.96 11.92 -8.97
C GLU B 301 -9.00 12.20 -7.88
N GLN B 302 -8.54 12.73 -6.76
CA GLN B 302 -9.40 13.11 -5.65
C GLN B 302 -10.48 14.11 -6.09
N ARG B 303 -10.11 14.99 -7.01
CA ARG B 303 -11.01 16.05 -7.48
C ARG B 303 -11.90 15.60 -8.63
N ASN B 304 -11.82 14.32 -8.97
CA ASN B 304 -12.61 13.76 -10.08
C ASN B 304 -12.38 14.50 -11.39
N TYR B 305 -11.12 14.73 -11.72
CA TYR B 305 -10.72 15.46 -12.91
C TYR B 305 -9.70 14.62 -13.67
N ILE B 306 -9.56 14.85 -14.97
CA ILE B 306 -8.59 14.11 -15.77
C ILE B 306 -7.46 15.00 -16.29
N HIS B 307 -6.61 14.45 -17.14
CA HIS B 307 -5.40 15.15 -17.57
C HIS B 307 -5.18 15.07 -19.08
N ARG B 308 -5.27 13.85 -19.61
CA ARG B 308 -5.21 13.58 -21.05
C ARG B 308 -3.84 13.71 -21.74
N ASP B 309 -2.87 14.32 -21.07
CA ASP B 309 -1.54 14.48 -21.67
C ASP B 309 -0.41 14.39 -20.65
N LEU B 310 -0.30 13.24 -20.00
CA LEU B 310 0.68 13.05 -18.94
C LEU B 310 2.00 12.51 -19.46
N ARG B 311 3.06 13.32 -19.36
CA ARG B 311 4.41 12.89 -19.70
C ARG B 311 5.42 13.89 -19.15
N ALA B 312 6.71 13.56 -19.28
CA ALA B 312 7.78 14.38 -18.73
C ALA B 312 7.82 15.78 -19.34
N ALA B 313 7.34 15.92 -20.57
CA ALA B 313 7.33 17.20 -21.26
C ALA B 313 6.37 18.18 -20.60
N ASN B 314 5.33 17.65 -19.97
CA ASN B 314 4.35 18.48 -19.28
C ASN B 314 4.49 18.46 -17.76
N ILE B 315 5.71 18.21 -17.29
CA ILE B 315 6.03 18.30 -15.88
C ILE B 315 7.15 19.30 -15.69
N LEU B 316 6.93 20.31 -14.86
CA LEU B 316 7.91 21.36 -14.66
C LEU B 316 8.70 21.17 -13.37
N VAL B 317 9.92 21.68 -13.35
CA VAL B 317 10.80 21.54 -12.19
C VAL B 317 11.22 22.91 -11.65
N SER B 318 11.16 23.08 -10.34
CA SER B 318 11.55 24.33 -9.71
C SER B 318 13.06 24.39 -9.54
N ALA B 319 13.55 25.52 -9.01
CA ALA B 319 14.98 25.70 -8.78
C ALA B 319 15.49 24.73 -7.71
N SER B 320 14.61 24.31 -6.81
CA SER B 320 14.98 23.42 -5.72
C SER B 320 14.49 21.98 -5.96
N LEU B 321 14.31 21.64 -7.22
CA LEU B 321 13.95 20.28 -7.63
C LEU B 321 12.58 19.80 -7.16
N VAL B 322 11.61 20.70 -7.14
CA VAL B 322 10.23 20.34 -6.85
C VAL B 322 9.44 20.19 -8.15
N CYS B 323 8.90 18.99 -8.37
CA CYS B 323 8.14 18.72 -9.59
C CYS B 323 6.69 19.15 -9.47
N LYS B 324 6.18 19.78 -10.52
CA LYS B 324 4.79 20.22 -10.55
C LYS B 324 4.15 19.88 -11.90
N ILE B 325 2.84 19.67 -11.88
CA ILE B 325 2.11 19.30 -13.10
C ILE B 325 1.43 20.50 -13.74
N ALA B 326 1.63 20.66 -15.04
CA ALA B 326 1.01 21.73 -15.82
C ALA B 326 1.31 21.53 -17.29
N ASP B 327 0.27 21.34 -18.10
CA ASP B 327 -1.12 21.29 -17.66
C ASP B 327 -1.49 19.81 -17.47
N PHE B 328 -2.51 19.45 -16.67
CA PHE B 328 -3.38 20.28 -15.81
C PHE B 328 -4.36 21.19 -16.59
N GLY B 329 -5.29 20.54 -17.29
CA GLY B 329 -6.32 21.24 -18.05
C GLY B 329 -6.12 21.18 -19.55
N LEU B 330 -6.11 22.35 -20.18
CA LEU B 330 -5.85 22.54 -21.62
C LEU B 330 -6.19 21.43 -22.61
N ALA B 331 -5.61 20.24 -22.41
CA ALA B 331 -5.80 19.12 -23.34
C ALA B 331 -7.26 18.71 -23.46
N ARG B 332 -8.09 19.27 -22.58
CA ARG B 332 -9.52 19.00 -22.56
C ARG B 332 -10.29 20.01 -23.41
N VAL B 333 -9.58 20.96 -24.01
CA VAL B 333 -10.22 21.92 -24.92
C VAL B 333 -9.50 22.06 -26.27
N ILE B 334 -8.18 21.86 -26.26
CA ILE B 334 -7.40 22.00 -27.48
C ILE B 334 -7.54 20.79 -28.40
N PRO B 348 1.60 11.66 -30.83
CA PRO B 348 1.57 11.89 -29.39
C PRO B 348 0.76 10.82 -28.67
N ILE B 349 0.99 9.55 -29.04
CA ILE B 349 0.16 8.46 -28.54
C ILE B 349 0.93 7.36 -27.81
N LYS B 350 2.24 7.54 -27.65
CA LYS B 350 3.05 6.57 -26.92
C LYS B 350 2.80 6.64 -25.42
N TRP B 351 2.13 7.70 -24.98
CA TRP B 351 1.79 7.87 -23.57
C TRP B 351 0.30 7.63 -23.35
N THR B 352 -0.37 7.10 -24.37
CA THR B 352 -1.82 6.96 -24.31
C THR B 352 -2.26 5.50 -24.12
N ALA B 353 -3.21 5.30 -23.20
CA ALA B 353 -3.77 3.99 -22.94
C ALA B 353 -4.55 3.50 -24.17
N PRO B 354 -4.54 2.17 -24.40
CA PRO B 354 -5.20 1.55 -25.56
C PRO B 354 -6.66 1.95 -25.75
N GLU B 355 -7.44 1.96 -24.67
CA GLU B 355 -8.86 2.28 -24.76
C GLU B 355 -9.10 3.70 -25.26
N ALA B 356 -8.17 4.59 -24.92
CA ALA B 356 -8.27 5.99 -25.33
C ALA B 356 -7.86 6.16 -26.80
N ILE B 357 -6.85 5.40 -27.22
CA ILE B 357 -6.41 5.45 -28.61
C ILE B 357 -7.51 4.91 -29.52
N ASN B 358 -8.13 3.82 -29.09
CA ASN B 358 -9.20 3.19 -29.86
C ASN B 358 -10.54 3.90 -29.71
N PHE B 359 -11.22 3.62 -28.60
CA PHE B 359 -12.59 4.04 -28.39
C PHE B 359 -12.71 5.47 -27.86
N GLY B 360 -11.59 6.18 -27.82
CA GLY B 360 -11.58 7.56 -27.37
C GLY B 360 -12.02 7.75 -25.93
N SER B 361 -11.76 6.74 -25.10
CA SER B 361 -12.16 6.79 -23.70
C SER B 361 -11.01 7.22 -22.79
N PHE B 362 -10.82 8.53 -22.67
CA PHE B 362 -9.79 9.09 -21.80
C PHE B 362 -10.29 9.16 -20.36
N THR B 363 -9.78 8.29 -19.51
CA THR B 363 -10.16 8.27 -18.10
C THR B 363 -8.96 8.46 -17.20
N ILE B 364 -9.20 8.42 -15.89
CA ILE B 364 -8.13 8.58 -14.90
C ILE B 364 -7.17 7.38 -14.96
N LYS B 365 -7.69 6.23 -15.36
CA LYS B 365 -6.88 5.03 -15.49
C LYS B 365 -5.96 5.14 -16.69
N SER B 366 -6.41 5.84 -17.73
CA SER B 366 -5.58 6.11 -18.89
C SER B 366 -4.42 7.02 -18.45
N ASP B 367 -4.73 7.94 -17.55
CA ASP B 367 -3.69 8.79 -16.95
C ASP B 367 -2.72 7.95 -16.13
N VAL B 368 -3.22 6.86 -15.55
CA VAL B 368 -2.37 5.94 -14.80
C VAL B 368 -1.38 5.24 -15.74
N TRP B 369 -1.89 4.78 -16.88
CA TRP B 369 -1.06 4.19 -17.93
C TRP B 369 0.01 5.19 -18.32
N SER B 370 -0.42 6.42 -18.61
CA SER B 370 0.50 7.50 -18.95
C SER B 370 1.55 7.69 -17.86
N PHE B 371 1.16 7.48 -16.61
CA PHE B 371 2.09 7.60 -15.50
C PHE B 371 3.11 6.47 -15.52
N GLY B 372 2.69 5.30 -15.99
CA GLY B 372 3.60 4.18 -16.15
C GLY B 372 4.66 4.53 -17.17
N ILE B 373 4.24 5.06 -18.31
CA ILE B 373 5.18 5.46 -19.35
C ILE B 373 6.12 6.56 -18.86
N LEU B 374 5.54 7.54 -18.16
CA LEU B 374 6.33 8.63 -17.58
C LEU B 374 7.36 8.10 -16.59
N LEU B 375 6.97 7.05 -15.86
CA LEU B 375 7.85 6.39 -14.92
C LEU B 375 9.06 5.84 -15.67
N MET B 376 8.79 5.17 -16.80
CA MET B 376 9.83 4.64 -17.65
C MET B 376 10.74 5.76 -18.16
N GLU B 377 10.13 6.88 -18.55
CA GLU B 377 10.89 8.06 -18.98
C GLU B 377 11.86 8.55 -17.91
N ILE B 378 11.36 8.66 -16.70
CA ILE B 378 12.14 9.15 -15.57
C ILE B 378 13.31 8.22 -15.25
N VAL B 379 13.06 6.92 -15.20
CA VAL B 379 14.10 5.97 -14.83
C VAL B 379 15.15 5.80 -15.92
N THR B 380 14.83 6.21 -17.15
CA THR B 380 15.78 6.12 -18.26
C THR B 380 16.34 7.48 -18.66
N TYR B 381 16.14 8.47 -17.79
CA TYR B 381 16.67 9.83 -18.00
C TYR B 381 16.19 10.48 -19.29
N GLY B 382 14.88 10.44 -19.53
CA GLY B 382 14.29 11.16 -20.64
C GLY B 382 14.35 10.45 -21.97
N ARG B 383 14.73 9.18 -21.96
CA ARG B 383 14.76 8.39 -23.19
C ARG B 383 13.35 8.27 -23.76
N ILE B 384 13.25 8.33 -25.09
CA ILE B 384 11.97 8.21 -25.77
C ILE B 384 11.39 6.82 -25.54
N PRO B 385 10.11 6.75 -25.13
CA PRO B 385 9.42 5.48 -24.93
C PRO B 385 9.41 4.65 -26.21
N TYR B 386 9.52 3.33 -26.06
CA TYR B 386 9.59 2.40 -27.19
C TYR B 386 10.66 2.83 -28.20
N PRO B 387 11.94 2.76 -27.79
CA PRO B 387 13.03 3.23 -28.65
C PRO B 387 13.20 2.38 -29.91
N GLY B 388 13.25 3.04 -31.07
CA GLY B 388 13.43 2.36 -32.33
C GLY B 388 12.13 1.96 -32.99
N MET B 389 11.02 2.26 -32.33
CA MET B 389 9.69 1.90 -32.83
C MET B 389 8.90 3.14 -33.24
N SER B 390 7.94 2.96 -34.14
CA SER B 390 7.07 4.05 -34.57
C SER B 390 5.68 3.87 -34.00
N ASN B 391 4.78 4.80 -34.31
CA ASN B 391 3.44 4.79 -33.74
C ASN B 391 2.60 3.53 -34.03
N PRO B 392 2.38 3.20 -35.32
CA PRO B 392 1.60 1.98 -35.59
C PRO B 392 2.39 0.75 -35.17
N GLU B 393 3.72 0.84 -35.35
CA GLU B 393 4.65 -0.20 -34.93
C GLU B 393 4.48 -0.51 -33.45
N VAL B 394 4.07 0.51 -32.68
CA VAL B 394 3.80 0.36 -31.26
C VAL B 394 2.38 -0.17 -31.01
N ILE B 395 1.41 0.40 -31.72
CA ILE B 395 0.01 0.00 -31.58
C ILE B 395 -0.15 -1.51 -31.73
N ARG B 396 0.32 -2.04 -32.86
CA ARG B 396 0.27 -3.48 -33.12
C ARG B 396 0.92 -4.27 -31.98
N ALA B 397 2.07 -3.79 -31.51
CA ALA B 397 2.79 -4.45 -30.42
C ALA B 397 1.96 -4.50 -29.14
N LEU B 398 1.33 -3.38 -28.81
CA LEU B 398 0.44 -3.33 -27.65
C LEU B 398 -0.71 -4.31 -27.79
N GLU B 399 -1.23 -4.45 -29.00
CA GLU B 399 -2.32 -5.39 -29.24
C GLU B 399 -1.83 -6.84 -29.08
N ARG B 400 -0.53 -7.05 -29.26
CA ARG B 400 0.05 -8.38 -29.09
C ARG B 400 0.47 -8.65 -27.65
N GLY B 401 0.04 -7.78 -26.74
CA GLY B 401 0.35 -7.94 -25.32
C GLY B 401 1.80 -7.68 -24.98
N TYR B 402 2.43 -6.80 -25.76
CA TYR B 402 3.84 -6.46 -25.55
C TYR B 402 4.01 -5.24 -24.65
N ARG B 403 5.02 -5.27 -23.80
CA ARG B 403 5.36 -4.14 -22.95
C ARG B 403 6.87 -3.91 -23.01
N MET B 404 7.30 -2.71 -22.62
CA MET B 404 8.72 -2.39 -22.60
C MET B 404 9.47 -3.27 -21.60
N PRO B 405 10.69 -3.69 -21.96
CA PRO B 405 11.53 -4.48 -21.06
C PRO B 405 12.02 -3.64 -19.87
N ARG B 406 12.75 -4.28 -18.95
CA ARG B 406 13.23 -3.59 -17.77
C ARG B 406 14.66 -3.10 -17.96
N PRO B 407 14.86 -1.77 -17.93
CA PRO B 407 16.21 -1.19 -18.00
C PRO B 407 17.07 -1.65 -16.82
N GLU B 408 18.39 -1.64 -17.01
CA GLU B 408 19.31 -2.21 -16.03
C GLU B 408 19.25 -1.55 -14.65
N ASN B 409 19.19 -0.23 -14.63
CA ASN B 409 19.22 0.51 -13.37
C ASN B 409 17.89 0.55 -12.63
N CYS B 410 16.83 0.08 -13.29
CA CYS B 410 15.50 0.11 -12.72
C CYS B 410 15.22 -1.10 -11.84
N PRO B 411 14.85 -0.86 -10.57
CA PRO B 411 14.50 -1.93 -9.63
C PRO B 411 13.33 -2.77 -10.13
N GLU B 412 13.37 -4.07 -9.86
CA GLU B 412 12.31 -4.97 -10.24
C GLU B 412 11.00 -4.53 -9.59
N GLU B 413 11.11 -4.08 -8.34
CA GLU B 413 9.97 -3.67 -7.54
C GLU B 413 9.29 -2.44 -8.08
N LEU B 414 10.05 -1.63 -8.83
CA LEU B 414 9.51 -0.45 -9.48
C LEU B 414 8.93 -0.82 -10.83
N TYR B 415 9.62 -1.74 -11.51
CA TYR B 415 9.14 -2.27 -12.78
C TYR B 415 7.76 -2.91 -12.60
N ASN B 416 7.51 -3.47 -11.43
CA ASN B 416 6.21 -4.02 -11.11
C ASN B 416 5.13 -2.95 -11.08
N ILE B 417 5.46 -1.78 -10.54
CA ILE B 417 4.55 -0.65 -10.55
C ILE B 417 4.25 -0.24 -11.99
N MET B 418 5.30 -0.22 -12.81
CA MET B 418 5.15 0.05 -14.23
C MET B 418 4.18 -0.92 -14.89
N MET B 419 4.41 -2.21 -14.68
CA MET B 419 3.56 -3.26 -15.26
C MET B 419 2.11 -3.17 -14.80
N ARG B 420 1.93 -2.87 -13.51
CA ARG B 420 0.58 -2.72 -12.96
C ARG B 420 -0.12 -1.53 -13.60
N CYS B 421 0.64 -0.50 -13.94
CA CYS B 421 0.08 0.66 -14.62
C CYS B 421 -0.31 0.32 -16.05
N TRP B 422 0.33 -0.70 -16.60
CA TRP B 422 0.09 -1.09 -17.99
C TRP B 422 -0.83 -2.30 -18.13
N LYS B 423 -1.84 -2.37 -17.26
CA LYS B 423 -2.83 -3.44 -17.35
C LYS B 423 -3.79 -3.16 -18.50
N ASN B 424 -4.10 -4.20 -19.28
CA ASN B 424 -5.02 -4.07 -20.39
C ASN B 424 -6.40 -3.59 -19.94
N ARG B 425 -6.93 -4.24 -18.92
CA ARG B 425 -8.23 -3.87 -18.37
C ARG B 425 -8.05 -2.69 -17.42
N PRO B 426 -8.73 -1.56 -17.72
CA PRO B 426 -8.59 -0.30 -16.98
C PRO B 426 -8.90 -0.41 -15.50
N GLU B 427 -9.81 -1.29 -15.13
CA GLU B 427 -10.22 -1.44 -13.73
C GLU B 427 -9.14 -2.13 -12.90
N GLU B 428 -8.27 -2.87 -13.57
CA GLU B 428 -7.18 -3.59 -12.89
C GLU B 428 -5.98 -2.69 -12.61
N ARG B 429 -6.08 -1.43 -13.01
CA ARG B 429 -5.01 -0.47 -12.77
C ARG B 429 -5.17 0.19 -11.40
N PRO B 430 -4.07 0.29 -10.64
CA PRO B 430 -4.10 0.87 -9.30
C PRO B 430 -4.43 2.35 -9.33
N THR B 431 -4.89 2.89 -8.21
CA THR B 431 -5.21 4.31 -8.11
C THR B 431 -3.94 5.11 -7.88
N PHE B 432 -4.03 6.42 -8.08
CA PHE B 432 -2.89 7.30 -7.84
C PHE B 432 -2.58 7.41 -6.35
N GLU B 433 -3.59 7.15 -5.52
CA GLU B 433 -3.41 7.16 -4.08
C GLU B 433 -2.47 6.03 -3.67
N TYR B 434 -2.73 4.84 -4.20
CA TYR B 434 -1.88 3.69 -3.91
C TYR B 434 -0.47 3.89 -4.45
N ILE B 435 -0.37 4.32 -5.70
CA ILE B 435 0.93 4.57 -6.33
C ILE B 435 1.74 5.58 -5.52
N GLN B 436 1.11 6.69 -5.14
CA GLN B 436 1.76 7.69 -4.32
C GLN B 436 2.25 7.10 -2.99
N SER B 437 1.39 6.34 -2.33
CA SER B 437 1.71 5.74 -1.04
C SER B 437 2.90 4.80 -1.15
N VAL B 438 2.94 4.03 -2.24
CA VAL B 438 4.03 3.08 -2.46
C VAL B 438 5.34 3.78 -2.77
N LEU B 439 5.29 4.81 -3.61
CA LEU B 439 6.49 5.54 -4.02
C LEU B 439 7.08 6.38 -2.89
N ASP B 440 6.22 6.98 -2.07
CA ASP B 440 6.65 7.82 -0.96
C ASP B 440 7.49 7.05 0.05
N ASP B 441 7.12 5.80 0.32
CA ASP B 441 7.79 4.99 1.33
C ASP B 441 8.54 3.83 0.70
N PHE B 442 8.92 3.99 -0.56
CA PHE B 442 9.57 2.94 -1.35
C PHE B 442 10.75 2.27 -0.64
N TYR B 443 11.53 3.07 0.07
CA TYR B 443 12.72 2.55 0.77
C TYR B 443 12.47 2.35 2.26
N THR B 444 11.23 2.54 2.69
CA THR B 444 10.90 2.46 4.11
C THR B 444 9.82 1.42 4.42
N ALA B 445 10.19 0.42 5.20
CA ALA B 445 9.23 -0.58 5.66
C ALA B 445 8.19 0.08 6.54
N THR B 446 6.94 -0.35 6.40
CA THR B 446 5.81 0.22 7.14
C THR B 446 6.10 0.34 8.63
N GLU B 447 6.72 -0.69 9.20
CA GLU B 447 7.04 -0.71 10.62
C GLU B 447 8.08 0.33 10.99
N SER B 448 8.81 0.86 10.02
CA SER B 448 9.90 1.78 10.33
C SER B 448 9.58 3.26 10.09
N GLN B 449 8.32 3.56 9.77
CA GLN B 449 7.91 4.94 9.50
C GLN B 449 8.16 5.84 10.71
N GLU B 451 9.64 5.91 14.86
CA GLU B 451 10.38 5.16 15.87
C GLU B 451 9.68 5.24 17.21
N GLU B 452 9.97 4.27 18.08
CA GLU B 452 9.33 4.20 19.39
C GLU B 452 10.38 4.23 20.50
N ILE B 453 10.00 4.79 21.65
CA ILE B 453 10.91 4.88 22.79
C ILE B 453 10.23 4.46 24.08
N PRO B 454 10.84 3.50 24.80
CA PRO B 454 10.36 3.08 26.12
C PRO B 454 10.87 3.98 27.23
#